data_5T78
#
_entry.id   5T78
#
_cell.length_a   97.250
_cell.length_b   100.460
_cell.length_c   235.320
_cell.angle_alpha   90.000
_cell.angle_beta   90.000
_cell.angle_gamma   90.000
#
_symmetry.space_group_name_H-M   'C 2 2 21'
#
loop_
_entity.id
_entity.type
_entity.pdbx_description
1 polymer 'Fab fragment AR20.5 - Light Chain'
2 polymer 'Fab Fragment - AR20.5 - Heavy chain'
3 polymer 'MUC1 Glycopeptide'
4 non-polymer 2-acetamido-2-deoxy-beta-D-galactopyranose
5 water water
#
loop_
_entity_poly.entity_id
_entity_poly.type
_entity_poly.pdbx_seq_one_letter_code
_entity_poly.pdbx_strand_id
1 'polypeptide(L)'
;DVLMTQTPLSLPVSLGDQASISCRSSQTIVHSNGKIYLEWYLQKPGQSPKLLIYRVSKRFSGVPDRFSGSGSGTDFTLKI
SRVEAEDLGVYYCFQGSHVPWTFGGGTKLEIKRADAAPTVSIFPPSSEQLTSGGASVVCFLNNFYPKDINVKWKIDGSER
QNGVLNSWTDQDSKDSTYSMSSTLTLTKDEYERHNSYTCEATHKTSTSPIVKSFNR
;
A,C
2 'polypeptide(L)'
;EVKLVESGGGLVAPGGSLKLSCAASGFTFSSYPMSWVRQTPEKRLEWVAYINNGGGNPYYPDTVKGRFTISRDNAKNTLY
LQMSSLKSEDTAIYYCIRQYYGFDYWGQGTTLTVSSAKTTPPSVYPLAPGSAAQTNSMVTLGCLVKGYFPEPVTVTWNSG
SLSSGVHTFPAVLQSDLYTLSSSVTVPSSTWPSETVTCNVAHPASSTKVDKKIVP
;
B,D
3 'polypeptide(L)' APDTRPAP F,E
#
loop_
_chem_comp.id
_chem_comp.type
_chem_comp.name
_chem_comp.formula
NGA D-saccharide, beta linking 2-acetamido-2-deoxy-beta-D-galactopyranose 'C8 H15 N O6'
#
# COMPACT_ATOMS: atom_id res chain seq x y z
N ASP A 1 2.03 -0.28 -11.32
CA ASP A 1 2.18 -0.76 -9.92
C ASP A 1 1.40 0.18 -9.02
N VAL A 2 1.20 -0.22 -7.76
CA VAL A 2 0.59 0.67 -6.78
C VAL A 2 1.66 1.63 -6.27
N LEU A 3 1.38 2.92 -6.38
CA LEU A 3 2.24 3.98 -5.86
C LEU A 3 1.77 4.38 -4.48
N MET A 4 2.70 4.37 -3.52
CA MET A 4 2.41 4.75 -2.15
C MET A 4 3.14 6.05 -1.83
N THR A 5 2.39 7.10 -1.51
CA THR A 5 2.94 8.45 -1.34
C THR A 5 2.67 8.92 0.08
N GLN A 6 3.72 9.35 0.78
CA GLN A 6 3.61 9.65 2.21
C GLN A 6 3.68 11.16 2.46
N THR A 7 3.02 11.57 3.54
CA THR A 7 2.87 12.96 3.97
C THR A 7 2.84 13.08 5.52
N PRO A 8 3.67 13.96 6.10
CA PRO A 8 4.68 14.82 5.46
C PRO A 8 5.95 14.05 5.20
N LEU A 9 6.94 14.73 4.65
CA LEU A 9 8.24 14.11 4.45
C LEU A 9 9.01 14.03 5.77
N SER A 10 8.91 15.07 6.58
CA SER A 10 9.52 15.14 7.90
C SER A 10 8.50 15.71 8.87
N LEU A 11 8.61 15.29 10.12
CA LEU A 11 7.61 15.63 11.13
C LEU A 11 8.30 15.96 12.45
N PRO A 12 8.40 17.24 12.81
CA PRO A 12 8.87 17.60 14.16
C PRO A 12 7.74 17.56 15.17
N VAL A 13 8.03 17.03 16.36
CA VAL A 13 7.01 16.84 17.39
C VAL A 13 7.68 16.82 18.76
N SER A 14 6.97 17.35 19.75
CA SER A 14 7.47 17.39 21.13
C SER A 14 7.10 16.11 21.88
N LEU A 15 7.88 15.81 22.92
CA LEU A 15 7.58 14.63 23.72
C LEU A 15 6.19 14.76 24.33
N GLY A 16 5.42 13.66 24.31
CA GLY A 16 4.07 13.66 24.85
C GLY A 16 3.02 14.17 23.88
N ASP A 17 3.40 14.84 22.80
CA ASP A 17 2.47 15.35 21.80
C ASP A 17 2.10 14.25 20.81
N GLN A 18 1.17 14.57 19.89
CA GLN A 18 0.69 13.60 18.90
C GLN A 18 1.32 13.84 17.53
N ALA A 19 1.53 12.75 16.81
CA ALA A 19 2.05 12.75 15.44
C ALA A 19 1.09 11.99 14.51
N SER A 20 0.91 12.50 13.30
CA SER A 20 0.08 11.87 12.28
C SER A 20 0.86 11.78 11.00
N ILE A 21 0.90 10.59 10.43
CA ILE A 21 1.60 10.27 9.19
C ILE A 21 0.56 9.75 8.22
N SER A 22 0.49 10.36 7.05
CA SER A 22 -0.49 10.02 6.02
C SER A 22 0.16 9.20 4.94
N CYS A 23 -0.63 8.32 4.35
CA CYS A 23 -0.23 7.48 3.23
C CYS A 23 -1.32 7.59 2.18
N ARG A 24 -0.92 7.77 0.92
CA ARG A 24 -1.89 7.83 -0.17
C ARG A 24 -1.47 6.87 -1.27
N SER A 25 -2.37 5.93 -1.61
CA SER A 25 -2.15 4.99 -2.70
C SER A 25 -2.68 5.57 -4.01
N SER A 26 -2.11 5.09 -5.13
CA SER A 26 -2.54 5.45 -6.46
C SER A 26 -3.80 4.72 -6.92
N GLN A 27 -4.28 3.75 -6.15
CA GLN A 27 -5.47 2.97 -6.45
C GLN A 27 -5.92 2.31 -5.16
N THR A 28 -7.18 1.89 -5.16
CA THR A 28 -7.69 1.04 -4.10
C THR A 28 -6.78 -0.16 -3.90
N ILE A 29 -6.67 -0.61 -2.65
CA ILE A 29 -5.78 -1.72 -2.31
C ILE A 29 -6.54 -2.78 -1.51
N VAL A 30 -7.68 -3.24 -2.05
CA VAL A 30 -8.45 -4.32 -1.44
C VAL A 30 -8.10 -5.62 -2.16
N HIS A 31 -7.61 -6.59 -1.40
CA HIS A 31 -7.29 -7.92 -1.93
C HIS A 31 -8.56 -8.57 -2.50
N SER A 32 -8.37 -9.65 -3.27
CA SER A 32 -9.52 -10.38 -3.81
C SER A 32 -10.45 -10.84 -2.70
N ASN A 33 -9.91 -11.07 -1.50
CA ASN A 33 -10.66 -11.57 -0.36
C ASN A 33 -11.38 -10.48 0.42
N GLY A 34 -11.34 -9.23 -0.03
CA GLY A 34 -12.09 -8.16 0.61
C GLY A 34 -11.36 -7.42 1.72
N LYS A 35 -10.15 -7.81 2.07
CA LYS A 35 -9.40 -7.19 3.16
C LYS A 35 -8.31 -6.28 2.59
N ILE A 36 -7.90 -5.30 3.38
CA ILE A 36 -6.86 -4.35 3.00
C ILE A 36 -5.58 -4.69 3.75
N TYR A 37 -4.50 -4.90 3.00
CA TYR A 37 -3.22 -5.26 3.60
C TYR A 37 -2.28 -4.06 3.57
N LEU A 38 -2.58 -3.06 4.38
CA LEU A 38 -1.73 -1.91 4.54
C LEU A 38 -0.92 -2.04 5.83
N GLU A 39 0.41 -1.94 5.72
CA GLU A 39 1.29 -2.16 6.85
C GLU A 39 2.16 -0.95 7.12
N TRP A 40 2.50 -0.77 8.39
CA TRP A 40 3.34 0.31 8.84
C TRP A 40 4.61 -0.27 9.46
N TYR A 41 5.75 0.26 9.01
CA TYR A 41 7.07 -0.15 9.45
C TYR A 41 7.81 1.09 9.98
N LEU A 42 8.64 0.88 11.00
CA LEU A 42 9.49 1.91 11.58
C LEU A 42 10.94 1.45 11.50
N GLN A 43 11.80 2.31 10.96
CA GLN A 43 13.24 2.05 10.90
C GLN A 43 13.93 3.10 11.76
N LYS A 44 14.46 2.66 12.88
CA LYS A 44 15.19 3.53 13.77
C LYS A 44 16.63 3.66 13.28
N PRO A 45 17.29 4.78 13.56
CA PRO A 45 18.65 4.98 13.08
C PRO A 45 19.55 3.80 13.41
N GLY A 46 20.28 3.33 12.39
CA GLY A 46 21.16 2.18 12.55
C GLY A 46 20.47 0.82 12.66
N GLN A 47 19.16 0.72 12.45
CA GLN A 47 18.48 -0.56 12.66
C GLN A 47 17.75 -1.02 11.41
N SER A 48 17.42 -2.29 11.40
CA SER A 48 16.51 -2.81 10.39
C SER A 48 15.12 -2.25 10.64
N PRO A 49 14.28 -2.20 9.60
CA PRO A 49 12.86 -1.90 9.81
C PRO A 49 12.24 -2.93 10.73
N LYS A 50 11.15 -2.51 11.40
CA LYS A 50 10.35 -3.35 12.28
C LYS A 50 8.88 -3.11 11.98
N LEU A 51 8.07 -4.17 12.04
CA LEU A 51 6.63 -4.06 11.84
C LEU A 51 5.97 -3.45 13.06
N LEU A 52 5.09 -2.47 12.83
CA LEU A 52 4.23 -1.93 13.90
C LEU A 52 2.78 -2.36 13.73
N ILE A 53 2.26 -2.28 12.52
CA ILE A 53 0.83 -2.41 12.23
C ILE A 53 0.68 -3.13 10.90
N TYR A 54 -0.28 -4.07 10.87
CA TYR A 54 -0.70 -4.78 9.67
C TYR A 54 -2.23 -4.75 9.60
N ARG A 55 -2.76 -5.04 8.42
CA ARG A 55 -4.21 -5.02 8.24
C ARG A 55 -4.79 -3.68 8.70
N VAL A 56 -4.13 -2.61 8.29
CA VAL A 56 -4.60 -1.24 8.47
C VAL A 56 -4.49 -0.77 9.91
N SER A 57 -4.94 -1.60 10.86
CA SER A 57 -5.09 -1.15 12.24
C SER A 57 -4.70 -2.18 13.31
N LYS A 58 -4.16 -3.33 12.95
CA LYS A 58 -3.85 -4.37 13.93
C LYS A 58 -2.41 -4.18 14.38
N ARG A 59 -2.19 -4.02 15.68
CA ARG A 59 -0.84 -3.83 16.17
C ARG A 59 -0.12 -5.17 16.19
N PHE A 60 1.09 -5.21 15.65
CA PHE A 60 1.95 -6.38 15.82
C PHE A 60 2.27 -6.56 17.30
N SER A 61 2.56 -7.78 17.70
CA SER A 61 2.80 -8.03 19.12
C SER A 61 3.95 -7.18 19.61
N GLY A 62 3.80 -6.63 20.81
CA GLY A 62 4.84 -5.83 21.42
C GLY A 62 4.71 -4.34 21.19
N VAL A 63 3.90 -3.94 20.23
CA VAL A 63 3.75 -2.53 19.87
C VAL A 63 2.83 -1.85 20.87
N PRO A 64 3.29 -0.82 21.57
CA PRO A 64 2.46 -0.21 22.60
C PRO A 64 1.15 0.31 22.03
N ASP A 65 0.23 0.58 22.95
CA ASP A 65 -1.13 0.98 22.63
C ASP A 65 -1.21 2.33 21.93
N ARG A 66 -0.19 3.16 22.07
CA ARG A 66 -0.24 4.52 21.51
C ARG A 66 -0.08 4.56 19.98
N PHE A 67 0.32 3.46 19.34
CA PHE A 67 0.34 3.38 17.89
C PHE A 67 -1.01 2.92 17.34
N SER A 68 -1.61 3.74 16.47
CA SER A 68 -2.95 3.50 15.95
C SER A 68 -2.98 3.76 14.44
N GLY A 69 -3.49 2.80 13.68
CA GLY A 69 -3.62 2.94 12.23
C GLY A 69 -5.07 2.99 11.81
N SER A 70 -5.36 3.68 10.71
CA SER A 70 -6.73 3.79 10.21
C SER A 70 -6.67 4.06 8.70
N GLY A 71 -7.84 4.00 8.07
CA GLY A 71 -7.99 4.47 6.71
C GLY A 71 -8.74 3.50 5.82
N SER A 72 -9.10 4.01 4.63
CA SER A 72 -9.77 3.22 3.61
C SER A 72 -9.67 3.98 2.30
N GLY A 73 -10.12 3.33 1.23
CA GLY A 73 -10.01 3.89 -0.09
C GLY A 73 -8.54 4.02 -0.43
N THR A 74 -8.08 5.24 -0.69
CA THR A 74 -6.68 5.46 -0.97
C THR A 74 -5.95 6.18 0.16
N ASP A 75 -6.62 6.52 1.27
CA ASP A 75 -6.03 7.33 2.33
C ASP A 75 -5.92 6.52 3.60
N PHE A 76 -4.70 6.44 4.14
CA PHE A 76 -4.41 5.70 5.37
C PHE A 76 -3.54 6.54 6.29
N THR A 77 -3.64 6.27 7.60
CA THR A 77 -3.04 7.14 8.59
C THR A 77 -2.50 6.36 9.78
N LEU A 78 -1.29 6.72 10.21
CA LEU A 78 -0.70 6.26 11.47
C LEU A 78 -0.68 7.40 12.48
N LYS A 79 -1.15 7.12 13.70
CA LYS A 79 -1.13 8.10 14.77
C LYS A 79 -0.27 7.57 15.90
N ILE A 80 0.60 8.42 16.43
CA ILE A 80 1.35 8.14 17.65
C ILE A 80 0.84 9.11 18.70
N SER A 81 0.26 8.57 19.77
CA SER A 81 -0.53 9.42 20.67
C SER A 81 0.32 10.15 21.71
N ARG A 82 1.40 9.54 22.18
CA ARG A 82 2.25 10.26 23.15
C ARG A 82 3.68 9.91 22.82
N VAL A 83 4.24 10.69 21.90
CA VAL A 83 5.56 10.38 21.36
C VAL A 83 6.57 10.33 22.50
N GLU A 84 7.38 9.27 22.49
CA GLU A 84 8.55 9.12 23.32
C GLU A 84 9.79 9.24 22.45
N ALA A 85 10.92 9.58 23.07
CA ALA A 85 12.15 9.79 22.29
C ALA A 85 12.48 8.55 21.46
N GLU A 86 12.17 7.37 21.97
CA GLU A 86 12.46 6.13 21.27
C GLU A 86 11.65 5.95 20.00
N ASP A 87 10.66 6.81 19.74
CA ASP A 87 9.84 6.68 18.55
C ASP A 87 10.47 7.29 17.30
N LEU A 88 11.61 7.97 17.42
CA LEU A 88 12.17 8.62 16.26
C LEU A 88 12.72 7.62 15.26
N GLY A 89 12.76 8.03 14.01
CA GLY A 89 13.18 7.16 12.93
C GLY A 89 12.32 7.44 11.73
N VAL A 90 12.38 6.53 10.76
CA VAL A 90 11.67 6.69 9.50
C VAL A 90 10.54 5.67 9.43
N TYR A 91 9.33 6.17 9.22
CA TYR A 91 8.12 5.36 9.13
C TYR A 91 7.75 5.13 7.68
N TYR A 92 7.52 3.85 7.31
CA TYR A 92 7.17 3.47 5.94
C TYR A 92 5.79 2.82 5.94
N CYS A 93 4.91 3.23 5.01
CA CYS A 93 3.71 2.46 4.74
C CYS A 93 3.97 1.45 3.64
N PHE A 94 3.06 0.49 3.52
CA PHE A 94 3.29 -0.64 2.64
C PHE A 94 1.96 -1.28 2.31
N GLN A 95 1.78 -1.65 1.04
CA GLN A 95 0.57 -2.32 0.60
C GLN A 95 0.92 -3.73 0.17
N GLY A 96 0.17 -4.70 0.67
CA GLY A 96 0.40 -6.09 0.37
C GLY A 96 -0.81 -6.75 -0.24
N SER A 97 -1.69 -5.95 -0.84
CA SER A 97 -2.89 -6.45 -1.49
C SER A 97 -2.63 -6.85 -2.92
N HIS A 98 -1.88 -6.06 -3.68
CA HIS A 98 -1.62 -6.33 -5.09
C HIS A 98 -0.13 -6.48 -5.30
N VAL A 99 0.22 -7.33 -6.25
CA VAL A 99 1.62 -7.49 -6.65
C VAL A 99 1.96 -6.55 -7.81
N PRO A 100 3.19 -6.03 -7.85
CA PRO A 100 4.22 -6.19 -6.80
C PRO A 100 3.85 -5.44 -5.53
N TRP A 101 4.20 -6.02 -4.39
CA TRP A 101 4.07 -5.33 -3.12
C TRP A 101 4.99 -4.10 -3.12
N THR A 102 4.50 -2.97 -2.59
CA THR A 102 5.22 -1.69 -2.67
C THR A 102 5.19 -0.94 -1.33
N PHE A 103 6.29 -0.24 -1.07
CA PHE A 103 6.50 0.62 0.09
C PHE A 103 6.31 2.09 -0.28
N GLY A 104 5.89 2.88 0.70
CA GLY A 104 5.97 4.33 0.56
C GLY A 104 7.39 4.81 0.72
N GLY A 105 7.59 6.12 0.51
CA GLY A 105 8.93 6.70 0.53
C GLY A 105 9.49 6.95 1.92
N GLY A 106 8.65 7.05 2.93
CA GLY A 106 9.16 7.25 4.27
C GLY A 106 8.87 8.63 4.79
N THR A 107 8.63 8.70 6.09
CA THR A 107 8.45 9.95 6.83
C THR A 107 9.36 9.85 8.04
N LYS A 108 10.25 10.85 8.20
CA LYS A 108 11.17 10.90 9.32
C LYS A 108 10.48 11.64 10.44
N LEU A 109 10.45 11.02 11.61
CA LEU A 109 9.94 11.64 12.82
C LEU A 109 11.11 12.18 13.62
N GLU A 110 11.08 13.49 13.90
CA GLU A 110 12.14 14.17 14.64
C GLU A 110 11.61 14.67 15.98
N ILE A 111 12.39 14.47 17.03
CA ILE A 111 11.99 14.88 18.37
C ILE A 111 12.45 16.31 18.60
N LYS A 112 11.55 17.14 19.10
CA LYS A 112 11.91 18.48 19.56
C LYS A 112 12.38 18.39 21.00
N ARG A 113 13.44 19.12 21.32
CA ARG A 113 13.95 19.17 22.68
C ARG A 113 14.51 20.56 22.91
N ALA A 114 15.00 20.80 24.13
CA ALA A 114 15.60 22.08 24.48
C ALA A 114 16.89 22.29 23.69
N ASP A 115 17.18 23.54 23.35
CA ASP A 115 18.45 23.84 22.69
C ASP A 115 19.61 23.43 23.59
N ALA A 116 20.62 22.79 22.99
CA ALA A 116 21.78 22.29 23.73
C ALA A 116 23.04 22.58 22.92
N ALA A 117 24.15 23.03 23.67
CA ALA A 117 25.41 23.41 23.04
C ALA A 117 26.34 22.21 22.89
N PRO A 118 27.16 22.19 21.84
CA PRO A 118 28.02 21.03 21.61
C PRO A 118 29.18 20.96 22.58
N THR A 119 29.69 19.74 22.70
CA THR A 119 30.89 19.44 23.48
C THR A 119 32.01 19.18 22.47
N VAL A 120 32.90 20.12 22.35
CA VAL A 120 33.86 20.13 21.26
C VAL A 120 35.16 19.50 21.71
N SER A 121 35.70 18.67 20.82
CA SER A 121 36.99 18.02 21.01
C SER A 121 37.74 18.11 19.69
N ILE A 122 39.00 18.56 19.76
CA ILE A 122 39.87 18.61 18.59
C ILE A 122 40.94 17.54 18.77
N PHE A 123 41.33 16.90 17.66
CA PHE A 123 42.31 15.83 17.69
C PHE A 123 43.39 16.09 16.65
N PRO A 124 44.67 15.91 16.99
CA PRO A 124 45.72 16.06 16.00
C PRO A 124 45.89 14.80 15.17
N PRO A 125 46.61 14.88 14.06
CA PRO A 125 46.93 13.66 13.31
C PRO A 125 47.74 12.68 14.14
N SER A 126 47.48 11.40 13.91
CA SER A 126 48.24 10.33 14.52
C SER A 126 49.57 10.18 13.80
N SER A 127 50.57 9.67 14.52
CA SER A 127 51.87 9.41 13.87
C SER A 127 51.73 8.37 12.77
N GLU A 128 50.81 7.41 12.91
CA GLU A 128 50.65 6.39 11.88
C GLU A 128 50.22 7.00 10.55
N GLN A 129 49.28 7.95 10.58
CA GLN A 129 48.85 8.60 9.35
C GLN A 129 49.95 9.49 8.78
N LEU A 130 50.69 10.20 9.65
CA LEU A 130 51.76 11.08 9.17
C LEU A 130 52.83 10.30 8.41
N THR A 131 53.04 9.04 8.76
CA THR A 131 53.97 8.20 8.03
C THR A 131 53.44 7.81 6.66
N SER A 132 52.13 7.80 6.47
CA SER A 132 51.55 7.51 5.16
C SER A 132 51.58 8.71 4.24
N GLY A 133 51.95 9.88 4.74
CA GLY A 133 52.06 11.08 3.92
C GLY A 133 50.91 12.04 4.06
N GLY A 134 49.84 11.66 4.77
CA GLY A 134 48.68 12.51 4.96
C GLY A 134 48.56 12.99 6.39
N ALA A 135 47.59 13.89 6.60
CA ALA A 135 47.42 14.50 7.92
C ALA A 135 46.01 15.06 8.02
N SER A 136 45.15 14.34 8.71
CA SER A 136 43.77 14.74 8.96
C SER A 136 43.70 15.29 10.38
N VAL A 137 43.08 16.46 10.52
CA VAL A 137 42.78 17.07 11.80
C VAL A 137 41.28 16.94 11.99
N VAL A 138 40.85 16.47 13.17
CA VAL A 138 39.46 16.10 13.39
C VAL A 138 38.89 16.86 14.58
N CYS A 139 37.63 17.26 14.44
CA CYS A 139 36.88 17.98 15.46
C CYS A 139 35.52 17.33 15.64
N PHE A 140 35.21 16.85 16.85
CA PHE A 140 33.88 16.33 17.16
C PHE A 140 33.06 17.42 17.85
N LEU A 141 31.88 17.66 17.32
CA LEU A 141 30.88 18.53 17.96
C LEU A 141 29.74 17.61 18.39
N ASN A 142 29.73 17.25 19.67
CA ASN A 142 28.90 16.16 20.19
C ASN A 142 27.72 16.66 21.02
N ASN A 143 26.56 16.06 20.76
CA ASN A 143 25.37 16.10 21.61
C ASN A 143 24.82 17.53 21.73
N PHE A 144 24.32 18.02 20.60
CA PHE A 144 23.73 19.36 20.52
C PHE A 144 22.37 19.30 19.81
N TYR A 145 21.61 20.37 20.00
CA TYR A 145 20.31 20.54 19.36
C TYR A 145 20.05 22.03 19.25
N PRO A 146 19.49 22.51 18.13
CA PRO A 146 19.04 21.79 16.94
C PRO A 146 20.20 21.39 16.03
N LYS A 147 19.86 20.72 14.93
CA LYS A 147 20.86 20.06 14.09
C LYS A 147 21.80 21.06 13.40
N ASP A 148 21.31 22.25 13.05
CA ASP A 148 22.09 23.16 12.24
C ASP A 148 23.23 23.77 13.04
N ILE A 149 24.44 23.70 12.49
CA ILE A 149 25.63 24.17 13.18
C ILE A 149 26.69 24.55 12.15
N ASN A 150 27.58 25.49 12.55
CA ASN A 150 28.68 25.97 11.71
C ASN A 150 30.03 25.71 12.36
N VAL A 151 30.97 25.20 11.58
CA VAL A 151 32.33 24.96 12.06
C VAL A 151 33.30 25.66 11.14
N LYS A 152 34.27 26.31 11.74
CA LYS A 152 35.28 27.04 11.02
C LYS A 152 36.64 26.53 11.47
N TRP A 153 37.50 26.23 10.50
CA TRP A 153 38.86 25.79 10.78
C TRP A 153 39.80 26.98 10.64
N LYS A 154 40.83 27.02 11.48
CA LYS A 154 41.83 28.09 11.45
C LYS A 154 43.22 27.51 11.62
N ILE A 155 44.15 27.94 10.76
CA ILE A 155 45.55 27.53 10.79
C ILE A 155 46.40 28.78 10.98
N ASP A 156 47.10 28.84 12.11
CA ASP A 156 47.80 30.05 12.51
C ASP A 156 46.86 31.26 12.42
N GLY A 157 45.69 31.12 13.02
CA GLY A 157 44.73 32.20 13.12
C GLY A 157 44.00 32.52 11.84
N SER A 158 44.41 31.94 10.71
CA SER A 158 43.78 32.20 9.42
C SER A 158 42.79 31.10 9.08
N GLU A 159 41.65 31.50 8.54
CA GLU A 159 40.58 30.55 8.21
C GLU A 159 41.01 29.65 7.07
N ARG A 160 40.48 28.44 7.09
CA ARG A 160 40.84 27.42 6.11
C ARG A 160 39.56 26.68 5.74
N GLN A 161 39.16 26.78 4.47
CA GLN A 161 37.89 26.22 4.01
C GLN A 161 38.05 24.98 3.15
N ASN A 162 39.05 24.98 2.29
CA ASN A 162 39.26 23.86 1.36
C ASN A 162 39.80 22.64 2.11
N GLY A 163 39.35 21.46 1.71
CA GLY A 163 39.80 20.24 2.36
C GLY A 163 39.04 19.87 3.60
N VAL A 164 37.92 20.51 3.86
CA VAL A 164 37.10 20.22 5.04
C VAL A 164 35.96 19.31 4.64
N LEU A 165 35.66 18.35 5.52
CA LEU A 165 34.58 17.40 5.31
C LEU A 165 33.80 17.24 6.60
N ASN A 166 32.50 17.53 6.53
CA ASN A 166 31.62 17.52 7.68
C ASN A 166 30.58 16.41 7.54
N SER A 167 30.23 15.79 8.67
CA SER A 167 29.28 14.68 8.63
C SER A 167 28.43 14.70 9.89
N TRP A 168 27.11 14.69 9.72
CA TRP A 168 26.15 14.72 10.83
C TRP A 168 25.63 13.33 11.13
N THR A 169 25.41 13.02 12.42
CA THR A 169 24.69 11.80 12.78
C THR A 169 23.20 12.01 12.58
N ASP A 170 22.46 10.89 12.60
CA ASP A 170 21.02 10.93 12.84
C ASP A 170 20.78 11.34 14.29
N GLN A 171 19.53 11.72 14.57
CA GLN A 171 19.16 12.08 15.93
C GLN A 171 19.32 10.87 16.86
N ASP A 172 19.85 11.13 18.06
CA ASP A 172 20.06 10.09 19.07
C ASP A 172 18.75 9.80 19.79
N SER A 173 18.39 8.52 19.91
CA SER A 173 17.11 8.17 20.52
C SER A 173 17.13 8.35 22.03
N LYS A 174 18.30 8.40 22.65
CA LYS A 174 18.36 8.50 24.10
C LYS A 174 18.20 9.95 24.54
N ASP A 175 19.06 10.84 24.05
CA ASP A 175 19.01 12.23 24.47
C ASP A 175 18.45 13.17 23.39
N SER A 176 17.99 12.65 22.25
CA SER A 176 17.37 13.46 21.20
C SER A 176 18.31 14.56 20.64
N THR A 177 19.62 14.40 20.77
CA THR A 177 20.55 15.35 20.20
C THR A 177 21.10 14.85 18.87
N TYR A 178 21.89 15.71 18.23
CA TYR A 178 22.69 15.35 17.08
C TYR A 178 24.17 15.54 17.44
N SER A 179 25.03 14.95 16.63
CA SER A 179 26.46 15.20 16.70
C SER A 179 26.98 15.40 15.29
N MET A 180 28.17 15.98 15.15
CA MET A 180 28.76 16.09 13.83
C MET A 180 30.28 16.11 13.98
N SER A 181 30.97 15.58 12.97
CA SER A 181 32.43 15.63 12.90
C SER A 181 32.87 16.44 11.69
N SER A 182 33.95 17.20 11.89
CA SER A 182 34.60 18.01 10.86
C SER A 182 36.03 17.52 10.72
N THR A 183 36.42 17.16 9.51
CA THR A 183 37.74 16.62 9.22
C THR A 183 38.42 17.51 8.20
N LEU A 184 39.53 18.12 8.59
CA LEU A 184 40.37 18.90 7.71
C LEU A 184 41.51 18.01 7.26
N THR A 185 41.63 17.78 5.96
CA THR A 185 42.69 16.93 5.47
C THR A 185 43.76 17.78 4.82
N LEU A 186 45.01 17.54 5.22
CA LEU A 186 46.19 18.23 4.74
C LEU A 186 47.23 17.18 4.34
N THR A 187 48.19 17.58 3.53
CA THR A 187 49.34 16.71 3.33
C THR A 187 50.25 16.80 4.56
N LYS A 188 51.14 15.81 4.69
CA LYS A 188 52.17 15.88 5.72
C LYS A 188 53.00 17.15 5.57
N ASP A 189 53.44 17.45 4.34
CA ASP A 189 54.29 18.61 4.14
C ASP A 189 53.60 19.87 4.63
N GLU A 190 52.30 20.02 4.34
CA GLU A 190 51.59 21.24 4.71
C GLU A 190 51.39 21.34 6.21
N TYR A 191 50.99 20.23 6.85
CA TYR A 191 50.71 20.25 8.28
C TYR A 191 51.92 20.70 9.08
N GLU A 192 53.11 20.24 8.70
CA GLU A 192 54.31 20.51 9.49
C GLU A 192 54.87 21.89 9.24
N ARG A 193 54.42 22.59 8.20
CA ARG A 193 54.76 24.00 7.99
C ARG A 193 53.95 24.92 8.89
N HIS A 194 53.05 24.40 9.72
CA HIS A 194 52.30 25.25 10.64
C HIS A 194 52.21 24.58 11.99
N ASN A 195 51.81 25.36 13.00
CA ASN A 195 51.81 24.93 14.40
C ASN A 195 50.45 25.03 15.06
N SER A 196 49.71 26.13 14.88
CA SER A 196 48.44 26.35 15.57
C SER A 196 47.23 25.89 14.74
N TYR A 197 46.46 24.94 15.28
CA TYR A 197 45.29 24.40 14.61
C TYR A 197 44.07 24.59 15.50
N THR A 198 42.99 25.09 14.91
CA THR A 198 41.80 25.46 15.66
C THR A 198 40.53 25.06 14.91
N CYS A 199 39.56 24.51 15.62
CA CYS A 199 38.19 24.46 15.12
C CYS A 199 37.32 25.26 16.07
N GLU A 200 36.40 26.05 15.52
CA GLU A 200 35.45 26.80 16.31
C GLU A 200 34.03 26.58 15.80
N ALA A 201 33.16 26.19 16.72
CA ALA A 201 31.78 25.85 16.41
C ALA A 201 30.89 27.02 16.78
N THR A 202 30.06 27.45 15.84
CA THR A 202 29.06 28.48 16.10
C THR A 202 27.68 27.82 16.04
N HIS A 203 26.90 28.03 17.09
CA HIS A 203 25.61 27.40 17.26
C HIS A 203 24.65 28.45 17.80
N LYS A 204 23.36 28.23 17.56
CA LYS A 204 22.37 29.23 17.96
C LYS A 204 22.25 29.36 19.48
N THR A 205 22.92 28.49 20.25
CA THR A 205 22.95 28.63 21.70
C THR A 205 23.91 29.73 22.17
N SER A 206 24.70 30.33 21.27
CA SER A 206 25.59 31.42 21.62
C SER A 206 26.10 32.08 20.36
N THR A 207 26.18 33.42 20.39
CA THR A 207 26.90 34.19 19.37
C THR A 207 28.41 34.06 19.55
N SER A 208 28.86 33.57 20.70
CA SER A 208 30.27 33.28 20.92
C SER A 208 30.59 31.87 20.41
N PRO A 209 31.52 31.71 19.48
CA PRO A 209 31.95 30.37 19.09
C PRO A 209 32.53 29.61 20.29
N ILE A 210 32.47 28.28 20.20
CA ILE A 210 33.17 27.39 21.13
C ILE A 210 34.49 27.02 20.45
N VAL A 211 35.60 27.34 21.08
CA VAL A 211 36.91 27.24 20.46
C VAL A 211 37.73 26.16 21.14
N LYS A 212 38.35 25.29 20.35
CA LYS A 212 39.27 24.28 20.83
C LYS A 212 40.50 24.27 19.91
N SER A 213 41.68 24.13 20.50
CA SER A 213 42.94 24.31 19.77
C SER A 213 43.97 23.29 20.21
N PHE A 214 45.04 23.17 19.41
CA PHE A 214 46.23 22.44 19.80
C PHE A 214 47.43 23.01 19.03
N ASN A 215 48.63 22.64 19.46
CA ASN A 215 49.85 23.04 18.78
C ASN A 215 50.72 21.85 18.41
N ARG A 216 51.33 21.92 17.24
CA ARG A 216 52.52 21.16 16.82
C ARG A 216 52.18 20.06 15.85
N GLU B 1 13.71 -17.34 20.26
CA GLU B 1 14.27 -15.95 20.29
C GLU B 1 14.06 -15.31 18.92
N VAL B 2 14.10 -16.15 17.88
CA VAL B 2 14.02 -15.75 16.48
C VAL B 2 15.16 -14.84 16.11
N LYS B 3 16.19 -15.40 15.46
CA LYS B 3 17.33 -14.68 14.92
C LYS B 3 17.48 -15.05 13.45
N LEU B 4 17.71 -14.04 12.60
CA LEU B 4 17.97 -14.24 11.19
C LEU B 4 19.29 -13.57 10.85
N VAL B 5 20.23 -14.31 10.25
CA VAL B 5 21.58 -13.82 10.03
C VAL B 5 21.91 -13.98 8.55
N GLU B 6 21.97 -12.86 7.83
CA GLU B 6 22.32 -12.86 6.42
C GLU B 6 23.84 -12.88 6.22
N SER B 7 24.27 -13.41 5.08
CA SER B 7 25.68 -13.55 4.74
C SER B 7 25.84 -13.47 3.23
N GLY B 8 27.09 -13.39 2.77
CA GLY B 8 27.41 -13.50 1.38
C GLY B 8 27.51 -12.20 0.62
N GLY B 9 27.28 -11.07 1.28
CA GLY B 9 27.36 -9.79 0.61
C GLY B 9 28.79 -9.39 0.32
N GLY B 10 28.92 -8.43 -0.58
CA GLY B 10 30.22 -7.92 -0.97
C GLY B 10 30.11 -7.16 -2.29
N LEU B 11 31.24 -7.03 -2.96
CA LEU B 11 31.37 -6.24 -4.17
C LEU B 11 31.34 -7.14 -5.40
N VAL B 12 30.59 -6.74 -6.42
CA VAL B 12 30.43 -7.53 -7.64
C VAL B 12 30.48 -6.62 -8.87
N ALA B 13 31.16 -7.07 -9.91
CA ALA B 13 31.24 -6.29 -11.14
C ALA B 13 29.87 -6.22 -11.82
N PRO B 14 29.62 -5.19 -12.61
CA PRO B 14 28.36 -5.15 -13.38
C PRO B 14 28.26 -6.33 -14.34
N GLY B 15 27.10 -7.00 -14.31
CA GLY B 15 26.86 -8.20 -15.08
C GLY B 15 27.19 -9.49 -14.35
N GLY B 16 27.79 -9.41 -13.16
CA GLY B 16 28.19 -10.60 -12.43
C GLY B 16 27.07 -11.20 -11.61
N SER B 17 27.45 -12.17 -10.79
CA SER B 17 26.51 -13.00 -10.04
C SER B 17 26.98 -13.10 -8.60
N LEU B 18 26.02 -13.37 -7.72
CA LEU B 18 26.30 -13.53 -6.30
C LEU B 18 25.08 -14.13 -5.62
N LYS B 19 25.33 -15.02 -4.67
CA LYS B 19 24.28 -15.71 -3.93
C LYS B 19 24.37 -15.34 -2.44
N LEU B 20 23.25 -14.90 -1.87
CA LEU B 20 23.17 -14.60 -0.46
C LEU B 20 22.59 -15.78 0.32
N SER B 21 22.95 -15.85 1.61
CA SER B 21 22.46 -16.87 2.52
C SER B 21 21.83 -16.21 3.73
N CYS B 22 20.98 -16.97 4.43
CA CYS B 22 20.38 -16.48 5.65
C CYS B 22 20.21 -17.65 6.60
N ALA B 23 20.74 -17.51 7.82
CA ALA B 23 20.72 -18.57 8.82
C ALA B 23 19.55 -18.33 9.79
N ALA B 24 18.57 -19.21 9.77
CA ALA B 24 17.39 -19.06 10.61
C ALA B 24 17.49 -19.94 11.85
N SER B 25 17.04 -19.38 12.98
CA SER B 25 17.10 -20.09 14.25
C SER B 25 16.07 -19.46 15.17
N GLY B 26 15.77 -20.16 16.25
CA GLY B 26 14.82 -19.66 17.23
C GLY B 26 13.37 -19.90 16.89
N PHE B 27 13.07 -20.60 15.80
CA PHE B 27 11.70 -20.96 15.47
C PHE B 27 11.73 -22.17 14.54
N THR B 28 10.55 -22.71 14.27
CA THR B 28 10.40 -23.82 13.33
C THR B 28 10.49 -23.26 11.93
N PHE B 29 11.67 -23.36 11.31
CA PHE B 29 11.89 -22.73 10.02
C PHE B 29 10.85 -23.16 8.98
N SER B 30 10.55 -24.47 8.92
CA SER B 30 9.72 -25.02 7.85
C SER B 30 8.26 -24.60 7.90
N SER B 31 7.83 -23.88 8.94
CA SER B 31 6.42 -23.55 9.09
C SER B 31 6.04 -22.19 8.51
N TYR B 32 7.02 -21.33 8.18
CA TYR B 32 6.80 -19.94 7.83
C TYR B 32 7.32 -19.64 6.43
N PRO B 33 6.58 -18.87 5.64
CA PRO B 33 7.13 -18.35 4.38
C PRO B 33 8.16 -17.25 4.66
N MET B 34 9.03 -17.01 3.67
CA MET B 34 10.13 -16.07 3.82
C MET B 34 10.16 -15.09 2.65
N SER B 35 10.72 -13.90 2.91
CA SER B 35 10.85 -12.88 1.88
C SER B 35 12.23 -12.24 1.96
N TRP B 36 12.65 -11.66 0.84
CA TRP B 36 13.77 -10.74 0.78
C TRP B 36 13.25 -9.34 0.46
N VAL B 37 13.71 -8.37 1.24
CA VAL B 37 13.50 -6.95 0.97
C VAL B 37 14.85 -6.27 0.89
N ARG B 38 15.00 -5.34 -0.04
CA ARG B 38 16.25 -4.59 -0.14
C ARG B 38 16.01 -3.11 0.11
N GLN B 39 17.05 -2.43 0.60
CA GLN B 39 17.04 -1.00 0.87
C GLN B 39 18.20 -0.36 0.11
N THR B 40 17.88 0.59 -0.79
CA THR B 40 18.87 1.23 -1.65
C THR B 40 19.60 2.34 -0.91
N PRO B 41 20.68 2.88 -1.48
CA PRO B 41 21.37 3.99 -0.82
C PRO B 41 20.50 5.20 -0.61
N GLU B 42 19.48 5.38 -1.44
CA GLU B 42 18.48 6.41 -1.20
C GLU B 42 17.51 6.03 -0.08
N LYS B 43 17.73 4.89 0.58
CA LYS B 43 16.93 4.42 1.72
C LYS B 43 15.49 4.14 1.32
N ARG B 44 15.27 3.79 0.06
CA ARG B 44 13.98 3.33 -0.42
C ARG B 44 13.91 1.81 -0.24
N LEU B 45 12.76 1.33 0.21
CA LEU B 45 12.56 -0.11 0.44
C LEU B 45 11.88 -0.77 -0.76
N GLU B 46 12.43 -1.90 -1.20
CA GLU B 46 11.90 -2.66 -2.34
C GLU B 46 11.83 -4.13 -1.97
N TRP B 47 10.63 -4.71 -2.10
CA TRP B 47 10.47 -6.15 -1.97
C TRP B 47 11.01 -6.84 -3.22
N VAL B 48 11.83 -7.86 -3.05
CA VAL B 48 12.46 -8.54 -4.18
C VAL B 48 12.13 -10.02 -4.29
N ALA B 49 11.62 -10.69 -3.25
CA ALA B 49 11.32 -12.11 -3.45
C ALA B 49 10.47 -12.66 -2.31
N TYR B 50 9.70 -13.71 -2.63
CA TYR B 50 8.84 -14.44 -1.70
C TYR B 50 8.93 -15.92 -2.02
N ILE B 51 8.79 -16.75 -0.99
CA ILE B 51 8.68 -18.20 -1.17
C ILE B 51 7.88 -18.74 0.00
N ASN B 52 7.00 -19.72 -0.26
CA ASN B 52 6.10 -20.23 0.76
C ASN B 52 6.86 -21.21 1.67
N ASN B 53 6.17 -21.69 2.72
CA ASN B 53 6.84 -22.46 3.76
C ASN B 53 7.51 -23.72 3.20
N GLY B 54 6.86 -24.38 2.23
CA GLY B 54 7.36 -25.60 1.64
C GLY B 54 8.32 -25.45 0.47
N GLY B 55 8.69 -24.23 0.09
CA GLY B 55 9.63 -24.03 -1.00
C GLY B 55 9.02 -23.75 -2.35
N GLY B 56 7.70 -23.57 -2.43
CA GLY B 56 7.01 -23.32 -3.67
C GLY B 56 6.56 -21.87 -3.82
N ASN B 57 5.83 -21.64 -4.92
CA ASN B 57 5.31 -20.33 -5.29
C ASN B 57 6.36 -19.23 -5.22
N PRO B 58 7.51 -19.42 -5.85
CA PRO B 58 8.52 -18.33 -5.88
C PRO B 58 8.01 -17.16 -6.70
N TYR B 59 8.00 -15.98 -6.08
CA TYR B 59 7.43 -14.80 -6.71
C TYR B 59 8.41 -13.64 -6.61
N TYR B 60 8.39 -12.79 -7.64
CA TYR B 60 9.32 -11.69 -7.78
C TYR B 60 8.62 -10.49 -8.42
N PRO B 61 9.08 -9.27 -8.14
CA PRO B 61 8.71 -8.14 -9.00
C PRO B 61 9.46 -8.23 -10.32
N ASP B 62 8.90 -7.58 -11.35
CA ASP B 62 9.48 -7.66 -12.68
C ASP B 62 10.87 -7.01 -12.75
N THR B 63 11.25 -6.19 -11.76
CA THR B 63 12.56 -5.54 -11.79
C THR B 63 13.70 -6.53 -11.58
N VAL B 64 13.44 -7.68 -10.95
CA VAL B 64 14.47 -8.71 -10.75
C VAL B 64 14.04 -10.06 -11.30
N LYS B 65 12.86 -10.17 -11.87
CA LYS B 65 12.42 -11.44 -12.41
C LYS B 65 13.33 -11.87 -13.54
N GLY B 66 13.61 -13.17 -13.59
CA GLY B 66 14.51 -13.72 -14.57
C GLY B 66 15.96 -13.62 -14.21
N ARG B 67 16.31 -12.87 -13.18
CA ARG B 67 17.68 -12.67 -12.74
C ARG B 67 17.92 -13.19 -11.34
N PHE B 68 16.93 -13.05 -10.45
CA PHE B 68 17.03 -13.47 -9.07
C PHE B 68 16.28 -14.79 -8.88
N THR B 69 16.78 -15.62 -7.96
CA THR B 69 16.16 -16.91 -7.64
C THR B 69 16.22 -17.12 -6.14
N ILE B 70 15.02 -17.13 -5.48
CA ILE B 70 14.89 -17.46 -4.06
C ILE B 70 14.76 -18.97 -3.91
N SER B 71 15.32 -19.50 -2.84
CA SER B 71 15.30 -20.94 -2.58
C SER B 71 15.54 -21.14 -1.09
N ARG B 72 15.31 -22.36 -0.61
CA ARG B 72 15.43 -22.63 0.81
C ARG B 72 15.81 -24.09 1.03
N ASP B 73 16.48 -24.34 2.15
CA ASP B 73 16.87 -25.69 2.60
C ASP B 73 16.32 -25.87 4.00
N ASN B 74 15.16 -26.54 4.13
CA ASN B 74 14.52 -26.64 5.43
C ASN B 74 15.26 -27.55 6.40
N ALA B 75 16.18 -28.38 5.90
CA ALA B 75 17.01 -29.19 6.79
C ALA B 75 18.09 -28.34 7.44
N LYS B 76 18.74 -27.47 6.66
CA LYS B 76 19.81 -26.63 7.16
C LYS B 76 19.31 -25.33 7.81
N ASN B 77 18.00 -25.08 7.78
CA ASN B 77 17.45 -23.83 8.29
C ASN B 77 18.15 -22.64 7.64
N THR B 78 18.11 -22.61 6.30
CA THR B 78 18.78 -21.59 5.51
C THR B 78 17.87 -21.11 4.38
N LEU B 79 17.93 -19.80 4.11
CA LEU B 79 17.27 -19.19 2.96
C LEU B 79 18.32 -18.62 2.02
N TYR B 80 18.10 -18.76 0.72
CA TYR B 80 19.08 -18.35 -0.28
C TYR B 80 18.48 -17.34 -1.24
N LEU B 81 19.36 -16.54 -1.85
CA LEU B 81 18.95 -15.64 -2.93
C LEU B 81 20.10 -15.59 -3.91
N GLN B 82 19.94 -16.31 -5.02
CA GLN B 82 20.89 -16.27 -6.13
C GLN B 82 20.59 -15.05 -6.99
N MET B 83 21.64 -14.28 -7.33
CA MET B 83 21.53 -13.11 -8.19
C MET B 83 22.46 -13.25 -9.40
N SER B 84 22.05 -12.68 -10.53
CA SER B 84 22.83 -12.73 -11.77
C SER B 84 22.47 -11.53 -12.63
N SER B 85 23.32 -11.27 -13.63
CA SER B 85 23.13 -10.12 -14.52
C SER B 85 22.94 -8.84 -13.71
N LEU B 86 23.73 -8.71 -12.64
CA LEU B 86 23.55 -7.63 -11.69
C LEU B 86 23.79 -6.26 -12.33
N LYS B 87 22.93 -5.31 -11.98
CA LYS B 87 23.02 -3.93 -12.45
C LYS B 87 23.37 -3.02 -11.29
N SER B 88 23.70 -1.78 -11.63
CA SER B 88 23.95 -0.77 -10.61
C SER B 88 22.76 -0.62 -9.68
N GLU B 89 21.54 -0.70 -10.23
CA GLU B 89 20.31 -0.50 -9.45
C GLU B 89 20.09 -1.59 -8.42
N ASP B 90 20.85 -2.67 -8.46
CA ASP B 90 20.70 -3.73 -7.48
C ASP B 90 21.51 -3.48 -6.22
N THR B 91 22.39 -2.47 -6.22
CA THR B 91 23.18 -2.13 -5.04
C THR B 91 22.26 -1.75 -3.89
N ALA B 92 22.42 -2.41 -2.75
CA ALA B 92 21.48 -2.22 -1.66
C ALA B 92 21.91 -3.05 -0.46
N ILE B 93 21.26 -2.80 0.67
CA ILE B 93 21.26 -3.73 1.80
C ILE B 93 20.11 -4.71 1.61
N TYR B 94 20.40 -6.00 1.69
CA TYR B 94 19.41 -7.04 1.44
C TYR B 94 19.04 -7.68 2.76
N TYR B 95 17.75 -7.64 3.10
CA TYR B 95 17.25 -8.12 4.38
C TYR B 95 16.48 -9.42 4.18
N CYS B 96 16.80 -10.41 5.01
CA CYS B 96 16.04 -11.65 5.13
C CYS B 96 14.90 -11.47 6.14
N ILE B 97 13.72 -12.00 5.83
CA ILE B 97 12.51 -11.74 6.61
C ILE B 97 11.71 -13.02 6.79
N ARG B 98 11.36 -13.33 8.04
CA ARG B 98 10.30 -14.31 8.33
C ARG B 98 8.97 -13.59 8.22
N GLN B 99 8.10 -14.09 7.35
CA GLN B 99 6.84 -13.45 7.03
C GLN B 99 5.69 -14.25 7.61
N TYR B 100 4.73 -13.54 8.21
CA TYR B 100 3.49 -14.16 8.61
C TYR B 100 2.37 -13.13 8.54
N TYR B 101 2.23 -12.28 9.56
CA TYR B 101 1.22 -11.21 9.49
C TYR B 101 1.63 -10.16 8.46
N GLY B 102 2.85 -9.66 8.57
CA GLY B 102 3.46 -8.91 7.50
C GLY B 102 4.91 -9.35 7.46
N PHE B 103 5.82 -8.40 7.32
CA PHE B 103 7.26 -8.67 7.42
C PHE B 103 7.60 -8.64 8.91
N ASP B 104 7.41 -9.76 9.59
CA ASP B 104 7.39 -9.78 11.06
C ASP B 104 8.78 -9.60 11.65
N TYR B 105 9.78 -10.29 11.11
CA TYR B 105 11.12 -10.30 11.69
C TYR B 105 12.15 -10.11 10.59
N TRP B 106 12.97 -9.07 10.72
CA TRP B 106 14.00 -8.73 9.75
C TRP B 106 15.38 -9.01 10.33
N GLY B 107 16.25 -9.57 9.49
CA GLY B 107 17.66 -9.65 9.83
C GLY B 107 18.27 -8.27 9.88
N GLN B 108 19.57 -8.24 10.20
CA GLN B 108 20.30 -6.97 10.27
C GLN B 108 20.79 -6.50 8.91
N GLY B 109 20.89 -7.40 7.94
CA GLY B 109 21.11 -7.12 6.54
C GLY B 109 22.54 -7.38 6.11
N THR B 110 22.71 -7.68 4.82
CA THR B 110 24.03 -7.79 4.22
C THR B 110 24.01 -6.95 2.94
N THR B 111 25.17 -6.39 2.59
CA THR B 111 25.27 -5.33 1.60
C THR B 111 25.88 -5.84 0.30
N LEU B 112 25.18 -5.59 -0.80
CA LEU B 112 25.69 -5.81 -2.14
C LEU B 112 26.04 -4.48 -2.77
N THR B 113 27.24 -4.39 -3.33
CA THR B 113 27.65 -3.23 -4.10
C THR B 113 27.97 -3.71 -5.50
N VAL B 114 27.29 -3.16 -6.49
CA VAL B 114 27.58 -3.44 -7.90
C VAL B 114 28.38 -2.26 -8.45
N SER B 115 29.65 -2.51 -8.80
CA SER B 115 30.56 -1.46 -9.25
C SER B 115 31.77 -2.10 -9.91
N SER B 116 32.36 -1.37 -10.86
CA SER B 116 33.60 -1.81 -11.50
C SER B 116 34.84 -1.52 -10.66
N ALA B 117 34.73 -0.67 -9.65
CA ALA B 117 35.88 -0.35 -8.80
C ALA B 117 36.40 -1.56 -8.07
N LYS B 118 37.52 -1.39 -7.37
CA LYS B 118 38.13 -2.49 -6.63
C LYS B 118 37.93 -2.25 -5.14
N THR B 119 37.92 -3.36 -4.40
CA THR B 119 37.91 -3.38 -2.95
C THR B 119 39.17 -2.76 -2.36
N THR B 120 38.99 -1.87 -1.38
CA THR B 120 40.08 -1.22 -0.67
C THR B 120 39.79 -1.31 0.81
N PRO B 121 40.64 -1.96 1.61
CA PRO B 121 40.40 -2.01 3.05
C PRO B 121 40.72 -0.67 3.70
N PRO B 122 40.13 -0.38 4.85
CA PRO B 122 40.36 0.92 5.48
C PRO B 122 41.70 0.98 6.21
N SER B 123 42.25 2.19 6.24
CA SER B 123 43.28 2.55 7.20
C SER B 123 42.57 3.11 8.43
N VAL B 124 43.02 2.70 9.60
CA VAL B 124 42.39 3.06 10.86
C VAL B 124 43.41 3.77 11.73
N TYR B 125 43.09 5.00 12.14
CA TYR B 125 43.97 5.89 12.86
C TYR B 125 43.35 6.28 14.19
N PRO B 126 44.11 6.21 15.29
CA PRO B 126 43.57 6.63 16.58
C PRO B 126 43.47 8.13 16.68
N LEU B 127 42.49 8.59 17.46
CA LEU B 127 42.31 10.01 17.76
C LEU B 127 42.47 10.20 19.26
N ALA B 128 43.55 10.87 19.66
CA ALA B 128 43.85 11.07 21.06
C ALA B 128 44.01 12.55 21.37
N PRO B 129 43.61 13.00 22.57
CA PRO B 129 43.86 14.40 22.93
C PRO B 129 45.33 14.78 22.87
N ASN B 136 39.73 16.02 33.75
CA ASN B 136 38.48 16.72 33.50
C ASN B 136 37.24 15.84 33.74
N SER B 137 37.41 14.71 34.42
CA SER B 137 36.32 13.81 34.82
C SER B 137 35.72 13.02 33.65
N MET B 138 35.85 13.51 32.41
CA MET B 138 35.23 12.87 31.27
C MET B 138 36.04 13.23 30.03
N VAL B 139 36.40 12.23 29.23
CA VAL B 139 37.27 12.39 28.07
C VAL B 139 36.61 11.78 26.83
N THR B 140 36.83 12.41 25.68
CA THR B 140 36.29 11.95 24.40
C THR B 140 37.45 11.48 23.52
N LEU B 141 37.39 10.23 23.06
CA LEU B 141 38.36 9.63 22.16
C LEU B 141 37.69 9.28 20.83
N GLY B 142 38.52 8.85 19.88
CA GLY B 142 37.99 8.59 18.55
C GLY B 142 38.86 7.70 17.70
N CYS B 143 38.28 7.33 16.57
CA CYS B 143 38.88 6.49 15.56
C CYS B 143 38.59 7.12 14.20
N LEU B 144 39.59 7.17 13.33
CA LEU B 144 39.42 7.68 11.98
C LEU B 144 39.56 6.52 11.01
N VAL B 145 38.50 6.21 10.31
CA VAL B 145 38.45 5.07 9.40
C VAL B 145 38.42 5.64 7.99
N LYS B 146 39.55 5.57 7.30
CA LYS B 146 39.79 6.38 6.12
C LYS B 146 40.14 5.51 4.91
N GLY B 147 39.50 5.82 3.77
CA GLY B 147 39.91 5.30 2.48
C GLY B 147 39.50 3.88 2.17
N TYR B 148 38.27 3.51 2.44
CA TYR B 148 37.82 2.15 2.17
C TYR B 148 36.74 2.15 1.11
N PHE B 149 36.59 0.99 0.49
CA PHE B 149 35.51 0.77 -0.46
C PHE B 149 35.29 -0.73 -0.64
N PRO B 150 34.03 -1.17 -0.72
CA PRO B 150 32.77 -0.45 -0.57
C PRO B 150 32.36 -0.31 0.87
N GLU B 151 31.20 0.29 1.09
CA GLU B 151 30.55 0.22 2.37
C GLU B 151 29.94 -1.16 2.57
N PRO B 152 29.69 -1.53 3.82
CA PRO B 152 29.93 -0.78 5.05
C PRO B 152 31.16 -1.21 5.83
N VAL B 153 31.45 -0.47 6.89
CA VAL B 153 32.32 -0.94 7.95
C VAL B 153 31.49 -0.91 9.23
N THR B 154 31.87 -1.74 10.19
CA THR B 154 31.28 -1.66 11.52
C THR B 154 32.39 -1.32 12.49
N VAL B 155 32.14 -0.34 13.36
CA VAL B 155 33.11 0.11 14.33
C VAL B 155 32.57 -0.20 15.71
N THR B 156 33.38 -0.88 16.51
CA THR B 156 33.01 -1.21 17.87
C THR B 156 34.17 -0.81 18.78
N TRP B 157 33.91 -0.71 20.08
CA TRP B 157 34.90 -0.27 21.04
C TRP B 157 35.08 -1.31 22.13
N ASN B 158 36.35 -1.68 22.38
CA ASN B 158 36.68 -2.75 23.31
C ASN B 158 35.84 -3.99 23.06
N SER B 159 35.72 -4.34 21.78
CA SER B 159 34.99 -5.56 21.37
C SER B 159 33.52 -5.56 21.83
N GLY B 160 32.93 -4.40 22.10
CA GLY B 160 31.54 -4.29 22.50
C GLY B 160 31.34 -3.79 23.93
N SER B 161 32.35 -3.92 24.79
CA SER B 161 32.20 -3.56 26.20
C SER B 161 31.77 -2.11 26.36
N LEU B 162 32.36 -1.20 25.59
CA LEU B 162 31.95 0.21 25.61
C LEU B 162 30.81 0.35 24.61
N SER B 163 29.59 0.45 25.13
CA SER B 163 28.41 0.67 24.31
C SER B 163 27.84 2.07 24.48
N SER B 164 27.85 2.60 25.69
CA SER B 164 27.35 3.93 25.95
C SER B 164 28.47 4.95 25.77
N GLY B 165 28.07 6.18 25.46
CA GLY B 165 29.04 7.20 25.11
C GLY B 165 29.61 7.08 23.71
N VAL B 166 29.01 6.26 22.86
CA VAL B 166 29.53 5.96 21.53
C VAL B 166 28.51 6.42 20.50
N HIS B 167 28.99 7.13 19.49
CA HIS B 167 28.22 7.27 18.27
C HIS B 167 29.18 7.35 17.09
N THR B 168 28.74 6.79 15.97
CA THR B 168 29.51 6.67 14.75
C THR B 168 28.93 7.58 13.68
N PHE B 169 29.83 8.36 13.00
CA PHE B 169 29.39 9.33 12.01
C PHE B 169 29.22 8.65 10.65
N PRO B 170 28.17 9.01 9.91
CA PRO B 170 27.95 8.39 8.60
C PRO B 170 29.16 8.54 7.70
N ALA B 171 29.39 7.53 6.89
CA ALA B 171 30.50 7.59 5.95
C ALA B 171 30.16 8.56 4.83
N VAL B 172 31.22 9.19 4.31
CA VAL B 172 31.09 10.10 3.18
C VAL B 172 32.05 9.64 2.09
N LEU B 173 31.60 9.75 0.86
CA LEU B 173 32.39 9.39 -0.32
C LEU B 173 33.10 10.63 -0.83
N GLN B 174 34.42 10.54 -0.96
CA GLN B 174 35.25 11.56 -1.60
C GLN B 174 36.26 10.81 -2.44
N SER B 175 36.37 11.16 -3.72
CA SER B 175 37.37 10.54 -4.60
C SER B 175 37.25 9.01 -4.56
N ASP B 176 36.03 8.49 -4.67
CA ASP B 176 35.81 7.05 -4.85
C ASP B 176 36.24 6.23 -3.62
N LEU B 177 36.38 6.86 -2.46
CA LEU B 177 36.63 6.12 -1.22
C LEU B 177 35.82 6.74 -0.10
N TYR B 178 35.43 5.91 0.87
CA TYR B 178 34.63 6.33 2.01
C TYR B 178 35.54 6.69 3.18
N THR B 179 35.06 7.61 4.01
CA THR B 179 35.71 7.93 5.27
C THR B 179 34.65 8.17 6.32
N LEU B 180 34.87 7.64 7.51
CA LEU B 180 34.00 7.94 8.64
C LEU B 180 34.84 8.04 9.90
N SER B 181 34.20 8.52 10.96
CA SER B 181 34.81 8.63 12.28
C SER B 181 33.85 8.05 13.30
N SER B 182 34.39 7.59 14.42
CA SER B 182 33.61 7.15 15.56
C SER B 182 34.15 7.80 16.83
N SER B 183 33.23 8.29 17.67
CA SER B 183 33.52 8.96 18.92
C SER B 183 33.04 8.10 20.09
N VAL B 184 33.87 8.04 21.14
CA VAL B 184 33.53 7.39 22.39
C VAL B 184 33.98 8.28 23.54
N THR B 185 33.15 8.37 24.56
CA THR B 185 33.44 9.18 25.72
C THR B 185 33.46 8.28 26.95
N VAL B 186 34.52 8.40 27.74
CA VAL B 186 34.66 7.61 28.97
C VAL B 186 35.08 8.55 30.08
N PRO B 187 34.89 8.13 31.33
CA PRO B 187 35.42 8.90 32.46
C PRO B 187 36.94 9.03 32.42
N SER B 188 37.42 10.19 32.89
CA SER B 188 38.86 10.46 32.94
C SER B 188 39.60 9.36 33.70
N SER B 189 38.97 8.83 34.74
CA SER B 189 39.53 7.70 35.47
C SER B 189 39.79 6.50 34.55
N THR B 190 38.89 6.25 33.60
CA THR B 190 38.97 5.05 32.77
C THR B 190 40.23 5.04 31.91
N TRP B 191 40.62 6.18 31.38
CA TRP B 191 41.67 6.25 30.36
C TRP B 191 42.73 7.26 30.77
N PRO B 192 44.02 6.95 30.53
CA PRO B 192 44.61 5.73 29.96
C PRO B 192 44.87 4.62 30.99
N SER B 193 44.31 4.75 32.19
CA SER B 193 44.49 3.73 33.22
C SER B 193 44.23 2.35 32.67
N GLU B 194 43.17 2.24 31.86
CA GLU B 194 42.76 1.00 31.23
C GLU B 194 42.70 1.18 29.73
N THR B 195 42.93 0.10 29.01
CA THR B 195 43.11 0.16 27.58
C THR B 195 41.77 0.40 26.87
N VAL B 196 41.79 1.27 25.86
CA VAL B 196 40.62 1.53 25.02
C VAL B 196 41.01 1.24 23.58
N THR B 197 40.28 0.33 22.95
CA THR B 197 40.59 -0.16 21.62
C THR B 197 39.42 0.07 20.68
N CYS B 198 39.75 0.46 19.48
CA CYS B 198 38.78 0.63 18.40
C CYS B 198 38.85 -0.58 17.48
N ASN B 199 37.73 -1.29 17.30
CA ASN B 199 37.71 -2.47 16.42
C ASN B 199 36.88 -2.18 15.17
N VAL B 200 37.52 -2.25 14.02
CA VAL B 200 36.92 -1.91 12.73
C VAL B 200 36.86 -3.18 11.90
N ALA B 201 35.68 -3.48 11.36
CA ALA B 201 35.50 -4.61 10.47
C ALA B 201 35.04 -4.14 9.10
N HIS B 202 35.71 -4.63 8.06
CA HIS B 202 35.34 -4.34 6.68
C HIS B 202 35.07 -5.67 5.97
N PRO B 203 33.82 -6.17 6.00
CA PRO B 203 33.56 -7.52 5.48
C PRO B 203 33.91 -7.72 4.01
N ALA B 204 33.69 -6.72 3.15
CA ALA B 204 33.97 -6.94 1.73
C ALA B 204 35.43 -7.25 1.47
N SER B 205 36.34 -6.75 2.31
CA SER B 205 37.74 -7.14 2.23
C SER B 205 38.12 -8.20 3.25
N SER B 206 37.16 -8.68 4.04
CA SER B 206 37.41 -9.71 5.05
C SER B 206 38.46 -9.25 6.07
N THR B 207 38.42 -7.98 6.42
CA THR B 207 39.47 -7.33 7.21
C THR B 207 38.95 -6.87 8.56
N LYS B 208 39.77 -7.11 9.58
CA LYS B 208 39.52 -6.61 10.94
C LYS B 208 40.77 -5.87 11.38
N VAL B 209 40.59 -4.65 11.88
CA VAL B 209 41.67 -3.87 12.44
C VAL B 209 41.34 -3.56 13.90
N ASP B 210 42.36 -3.69 14.78
CA ASP B 210 42.29 -3.35 16.21
C ASP B 210 43.30 -2.25 16.47
N LYS B 211 42.83 -1.01 16.70
CA LYS B 211 43.72 0.08 17.05
C LYS B 211 43.50 0.51 18.49
N LYS B 212 44.54 0.36 19.31
CA LYS B 212 44.55 0.93 20.65
C LYS B 212 44.78 2.43 20.59
N ILE B 213 44.09 3.15 21.45
CA ILE B 213 44.21 4.61 21.53
C ILE B 213 45.24 4.93 22.62
N VAL B 214 46.43 5.36 22.20
CA VAL B 214 47.49 5.69 23.17
C VAL B 214 47.69 7.21 23.22
N PRO B 215 47.98 7.79 24.40
CA PRO B 215 48.07 9.26 24.55
C PRO B 215 49.16 9.97 23.75
N PRO C 2 -6.14 -16.10 8.38
CA PRO C 2 -7.11 -14.99 8.51
C PRO C 2 -6.46 -13.62 8.53
N ASP C 3 -5.50 -13.42 9.44
CA ASP C 3 -4.82 -12.15 9.55
C ASP C 3 -3.55 -12.09 8.74
N THR C 4 -3.01 -13.25 8.38
CA THR C 4 -1.78 -13.31 7.62
C THR C 4 -2.00 -12.71 6.23
N ARG C 5 -0.94 -12.09 5.73
CA ARG C 5 -0.96 -11.52 4.39
C ARG C 5 -1.02 -12.65 3.37
N PRO C 6 -1.97 -12.62 2.43
CA PRO C 6 -2.10 -13.74 1.49
C PRO C 6 -0.91 -13.85 0.56
N ALA C 7 -0.71 -15.07 0.08
CA ALA C 7 0.39 -15.35 -0.79
C ALA C 7 0.16 -14.68 -2.15
N PRO C 8 1.22 -14.34 -2.87
CA PRO C 8 1.13 -13.65 -4.16
C PRO C 8 0.30 -14.39 -5.19
N ASP D 1 -24.71 -19.27 14.34
CA ASP D 1 -25.30 -19.26 12.97
C ASP D 1 -24.61 -20.33 12.14
N VAL D 2 -25.18 -20.63 10.98
CA VAL D 2 -24.52 -21.48 10.00
C VAL D 2 -23.49 -20.65 9.24
N LEU D 3 -22.26 -21.12 9.23
CA LEU D 3 -21.19 -20.46 8.49
C LEU D 3 -21.04 -21.17 7.16
N MET D 4 -21.11 -20.42 6.08
CA MET D 4 -20.96 -20.95 4.73
C MET D 4 -19.64 -20.45 4.15
N THR D 5 -18.76 -21.38 3.82
CA THR D 5 -17.40 -21.07 3.35
C THR D 5 -17.22 -21.63 1.94
N GLN D 6 -16.75 -20.79 1.03
CA GLN D 6 -16.66 -21.12 -0.38
C GLN D 6 -15.20 -21.33 -0.81
N THR D 7 -15.03 -22.12 -1.86
CA THR D 7 -13.74 -22.51 -2.43
C THR D 7 -13.88 -22.69 -3.96
N PRO D 8 -12.99 -22.05 -4.76
CA PRO D 8 -11.90 -21.14 -4.39
C PRO D 8 -12.44 -19.73 -4.25
N LEU D 9 -11.55 -18.78 -3.95
CA LEU D 9 -11.95 -17.38 -3.90
C LEU D 9 -12.16 -16.80 -5.30
N SER D 10 -11.29 -17.15 -6.23
CA SER D 10 -11.39 -16.78 -7.63
C SER D 10 -11.11 -18.01 -8.45
N LEU D 11 -11.72 -18.05 -9.64
CA LEU D 11 -11.64 -19.22 -10.49
C LEU D 11 -11.45 -18.76 -11.93
N PRO D 12 -10.25 -18.84 -12.47
CA PRO D 12 -10.05 -18.56 -13.89
C PRO D 12 -10.33 -19.81 -14.72
N VAL D 13 -11.00 -19.61 -15.85
CA VAL D 13 -11.43 -20.73 -16.69
C VAL D 13 -11.62 -20.21 -18.11
N SER D 14 -11.33 -21.08 -19.09
CA SER D 14 -11.45 -20.77 -20.50
C SER D 14 -12.88 -21.04 -21.00
N LEU D 15 -13.24 -20.41 -22.11
CA LEU D 15 -14.55 -20.67 -22.71
C LEU D 15 -14.65 -22.13 -23.12
N GLY D 16 -15.80 -22.73 -22.86
CA GLY D 16 -16.04 -24.12 -23.21
C GLY D 16 -15.57 -25.13 -22.19
N ASP D 17 -14.74 -24.72 -21.23
CA ASP D 17 -14.29 -25.60 -20.16
C ASP D 17 -15.29 -25.64 -19.00
N GLN D 18 -15.01 -26.49 -18.04
CA GLN D 18 -15.85 -26.67 -16.88
C GLN D 18 -15.33 -25.86 -15.68
N ALA D 19 -16.25 -25.41 -14.85
CA ALA D 19 -15.97 -24.70 -13.62
C ALA D 19 -16.64 -25.41 -12.47
N SER D 20 -15.95 -25.47 -11.33
CA SER D 20 -16.48 -26.06 -10.10
C SER D 20 -16.24 -25.12 -8.92
N ILE D 21 -17.31 -24.85 -8.18
CA ILE D 21 -17.31 -23.98 -7.02
C ILE D 21 -17.85 -24.78 -5.84
N SER D 22 -17.09 -24.83 -4.76
CA SER D 22 -17.43 -25.62 -3.59
C SER D 22 -17.93 -24.70 -2.49
N CYS D 23 -18.84 -25.23 -1.69
CA CYS D 23 -19.41 -24.56 -0.53
C CYS D 23 -19.29 -25.53 0.64
N ARG D 24 -18.88 -25.04 1.79
CA ARG D 24 -18.81 -25.89 2.99
C ARG D 24 -19.52 -25.18 4.12
N SER D 25 -20.52 -25.85 4.69
CA SER D 25 -21.22 -25.33 5.85
C SER D 25 -20.52 -25.76 7.13
N SER D 26 -20.73 -24.98 8.19
CA SER D 26 -20.26 -25.31 9.52
C SER D 26 -21.13 -26.36 10.23
N GLN D 27 -22.21 -26.80 9.61
CA GLN D 27 -23.09 -27.80 10.21
C GLN D 27 -24.00 -28.34 9.13
N THR D 28 -24.58 -29.50 9.40
CA THR D 28 -25.64 -30.01 8.55
C THR D 28 -26.73 -28.97 8.36
N ILE D 29 -27.35 -28.95 7.19
CA ILE D 29 -28.38 -27.95 6.90
C ILE D 29 -29.64 -28.65 6.39
N VAL D 30 -30.13 -29.64 7.14
CA VAL D 30 -31.38 -30.31 6.82
C VAL D 30 -32.48 -29.69 7.67
N HIS D 31 -33.47 -29.10 7.01
CA HIS D 31 -34.64 -28.55 7.66
C HIS D 31 -35.38 -29.66 8.41
N SER D 32 -36.29 -29.24 9.30
CA SER D 32 -37.09 -30.23 10.02
C SER D 32 -37.84 -31.17 9.08
N ASN D 33 -38.19 -30.71 7.88
CA ASN D 33 -38.96 -31.51 6.93
C ASN D 33 -38.10 -32.48 6.14
N GLY D 34 -36.81 -32.60 6.46
CA GLY D 34 -35.95 -33.56 5.81
C GLY D 34 -35.28 -33.07 4.53
N LYS D 35 -35.56 -31.86 4.09
CA LYS D 35 -35.01 -31.35 2.84
C LYS D 35 -33.90 -30.35 3.11
N ILE D 36 -32.99 -30.22 2.14
CA ILE D 36 -31.87 -29.29 2.21
C ILE D 36 -32.17 -28.08 1.34
N TYR D 37 -32.12 -26.90 1.93
CA TYR D 37 -32.39 -25.66 1.19
C TYR D 37 -31.08 -24.94 0.92
N LEU D 38 -30.28 -25.53 0.04
CA LEU D 38 -29.06 -24.90 -0.46
C LEU D 38 -29.31 -24.26 -1.81
N GLU D 39 -28.99 -22.96 -1.91
CA GLU D 39 -29.27 -22.19 -3.11
C GLU D 39 -27.98 -21.56 -3.63
N TRP D 40 -27.92 -21.42 -4.94
CA TRP D 40 -26.80 -20.81 -5.62
C TRP D 40 -27.32 -19.59 -6.38
N TYR D 41 -26.60 -18.48 -6.21
CA TYR D 41 -26.90 -17.20 -6.79
C TYR D 41 -25.70 -16.72 -7.59
N LEU D 42 -25.96 -16.00 -8.68
CA LEU D 42 -24.93 -15.38 -9.50
C LEU D 42 -25.18 -13.89 -9.53
N GLN D 43 -24.13 -13.10 -9.27
CA GLN D 43 -24.18 -11.65 -9.41
C GLN D 43 -23.19 -11.24 -10.49
N LYS D 44 -23.70 -10.79 -11.60
CA LYS D 44 -22.89 -10.32 -12.70
C LYS D 44 -22.49 -8.87 -12.43
N PRO D 45 -21.34 -8.42 -12.92
CA PRO D 45 -20.91 -7.05 -12.65
C PRO D 45 -22.00 -6.02 -12.95
N GLY D 46 -22.27 -5.13 -12.00
CA GLY D 46 -23.30 -4.11 -12.16
C GLY D 46 -24.74 -4.58 -12.04
N GLN D 47 -25.01 -5.84 -11.68
CA GLN D 47 -26.37 -6.34 -11.62
C GLN D 47 -26.70 -6.82 -10.21
N SER D 48 -28.00 -6.96 -9.95
CA SER D 48 -28.43 -7.61 -8.74
C SER D 48 -28.10 -9.09 -8.82
N PRO D 49 -28.02 -9.78 -7.68
CA PRO D 49 -27.95 -11.24 -7.70
C PRO D 49 -29.18 -11.82 -8.37
N LYS D 50 -29.02 -13.04 -8.89
CA LYS D 50 -30.10 -13.82 -9.49
C LYS D 50 -30.01 -15.27 -9.04
N LEU D 51 -31.17 -15.90 -8.83
CA LEU D 51 -31.20 -17.31 -8.45
C LEU D 51 -30.85 -18.18 -9.65
N LEU D 52 -29.97 -19.14 -9.42
CA LEU D 52 -29.67 -20.19 -10.39
C LEU D 52 -30.24 -21.54 -9.96
N ILE D 53 -30.08 -21.88 -8.68
CA ILE D 53 -30.36 -23.21 -8.18
C ILE D 53 -30.92 -23.07 -6.78
N TYR D 54 -31.95 -23.89 -6.49
CA TYR D 54 -32.54 -24.02 -5.18
C TYR D 54 -32.65 -25.50 -4.86
N ARG D 55 -32.84 -25.82 -3.59
CA ARG D 55 -32.98 -27.20 -3.18
C ARG D 55 -31.82 -28.05 -3.69
N VAL D 56 -30.61 -27.50 -3.55
CA VAL D 56 -29.38 -28.23 -3.86
C VAL D 56 -29.16 -28.39 -5.37
N SER D 57 -30.17 -28.83 -6.10
CA SER D 57 -29.94 -29.24 -7.48
C SER D 57 -31.00 -28.80 -8.47
N LYS D 58 -32.02 -28.06 -8.07
CA LYS D 58 -33.12 -27.73 -8.98
C LYS D 58 -32.86 -26.38 -9.63
N ARG D 59 -32.90 -26.36 -10.95
CA ARG D 59 -32.67 -25.13 -11.69
C ARG D 59 -33.88 -24.22 -11.60
N PHE D 60 -33.66 -22.96 -11.26
CA PHE D 60 -34.69 -21.96 -11.41
C PHE D 60 -35.05 -21.80 -12.88
N SER D 61 -36.26 -21.34 -13.16
CA SER D 61 -36.72 -21.22 -14.54
C SER D 61 -35.78 -20.32 -15.33
N GLY D 62 -35.43 -20.76 -16.53
CA GLY D 62 -34.58 -20.01 -17.41
C GLY D 62 -33.12 -20.39 -17.32
N VAL D 63 -32.71 -21.08 -16.27
CA VAL D 63 -31.30 -21.37 -16.06
C VAL D 63 -30.91 -22.54 -16.96
N PRO D 64 -29.94 -22.37 -17.85
CA PRO D 64 -29.62 -23.44 -18.80
C PRO D 64 -29.19 -24.72 -18.09
N ASP D 65 -29.18 -25.78 -18.91
CA ASP D 65 -28.87 -27.13 -18.49
C ASP D 65 -27.42 -27.28 -18.00
N ARG D 66 -26.52 -26.40 -18.43
CA ARG D 66 -25.11 -26.57 -18.09
C ARG D 66 -24.80 -26.24 -16.64
N PHE D 67 -25.73 -25.62 -15.89
CA PHE D 67 -25.58 -25.39 -14.45
C PHE D 67 -26.09 -26.59 -13.67
N SER D 68 -25.24 -27.15 -12.81
CA SER D 68 -25.55 -28.36 -12.08
C SER D 68 -25.12 -28.22 -10.62
N GLY D 69 -26.05 -28.48 -9.70
CA GLY D 69 -25.75 -28.44 -8.29
C GLY D 69 -25.89 -29.82 -7.67
N SER D 70 -25.09 -30.05 -6.62
CA SER D 70 -25.07 -31.33 -5.92
C SER D 70 -24.58 -31.11 -4.50
N GLY D 71 -24.68 -32.15 -3.68
CA GLY D 71 -24.06 -32.17 -2.37
C GLY D 71 -24.98 -32.65 -1.27
N SER D 72 -24.37 -32.92 -0.13
CA SER D 72 -25.08 -33.33 1.08
C SER D 72 -24.12 -33.16 2.25
N GLY D 73 -24.64 -33.36 3.46
CA GLY D 73 -23.83 -33.16 4.63
C GLY D 73 -23.41 -31.71 4.74
N THR D 74 -22.12 -31.44 4.68
CA THR D 74 -21.63 -30.08 4.72
C THR D 74 -21.03 -29.60 3.41
N ASP D 75 -20.93 -30.46 2.40
CA ASP D 75 -20.18 -30.14 1.19
C ASP D 75 -21.11 -30.09 -0.02
N PHE D 76 -21.12 -28.95 -0.71
CA PHE D 76 -21.99 -28.70 -1.84
C PHE D 76 -21.20 -28.08 -2.99
N THR D 77 -21.68 -28.32 -4.20
CA THR D 77 -20.90 -27.98 -5.37
C THR D 77 -21.80 -27.49 -6.50
N LEU D 78 -21.37 -26.42 -7.14
CA LEU D 78 -21.95 -25.93 -8.38
C LEU D 78 -21.00 -26.21 -9.52
N LYS D 79 -21.52 -26.80 -10.59
CA LYS D 79 -20.73 -27.10 -11.78
C LYS D 79 -21.33 -26.34 -12.96
N ILE D 80 -20.45 -25.68 -13.72
CA ILE D 80 -20.82 -25.09 -14.99
C ILE D 80 -20.04 -25.86 -16.04
N SER D 81 -20.75 -26.56 -16.91
CA SER D 81 -20.10 -27.57 -17.73
C SER D 81 -19.48 -26.98 -18.99
N ARG D 82 -20.04 -25.90 -19.51
CA ARG D 82 -19.51 -25.29 -20.73
C ARG D 82 -19.57 -23.78 -20.55
N VAL D 83 -18.54 -23.24 -19.91
CA VAL D 83 -18.54 -21.84 -19.54
C VAL D 83 -18.70 -20.97 -20.78
N GLU D 84 -19.61 -20.01 -20.70
CA GLU D 84 -19.76 -18.92 -21.66
C GLU D 84 -19.35 -17.61 -21.01
N ALA D 85 -18.99 -16.63 -21.84
CA ALA D 85 -18.51 -15.35 -21.30
C ALA D 85 -19.56 -14.71 -20.39
N GLU D 86 -20.83 -14.88 -20.71
CA GLU D 86 -21.92 -14.27 -19.95
C GLU D 86 -22.02 -14.83 -18.54
N ASP D 87 -21.27 -15.88 -18.22
CA ASP D 87 -21.32 -16.50 -16.91
C ASP D 87 -20.37 -15.85 -15.90
N LEU D 88 -19.57 -14.89 -16.32
CA LEU D 88 -18.66 -14.33 -15.35
C LEU D 88 -19.43 -13.54 -14.29
N GLY D 89 -18.84 -13.45 -13.12
CA GLY D 89 -19.43 -12.79 -11.98
C GLY D 89 -19.08 -13.50 -10.68
N VAL D 90 -19.83 -13.16 -9.64
CA VAL D 90 -19.58 -13.68 -8.30
C VAL D 90 -20.70 -14.65 -7.96
N TYR D 91 -20.33 -15.89 -7.67
CA TYR D 91 -21.28 -16.93 -7.31
C TYR D 91 -21.34 -17.09 -5.80
N TYR D 92 -22.54 -17.03 -5.24
CA TYR D 92 -22.78 -17.13 -3.80
C TYR D 92 -23.61 -18.38 -3.49
N CYS D 93 -23.19 -19.16 -2.49
CA CYS D 93 -24.05 -20.19 -1.95
C CYS D 93 -24.87 -19.63 -0.80
N PHE D 94 -25.90 -20.37 -0.40
CA PHE D 94 -26.86 -19.86 0.55
C PHE D 94 -27.59 -21.02 1.18
N GLN D 95 -27.78 -20.95 2.50
CA GLN D 95 -28.52 -21.98 3.21
C GLN D 95 -29.80 -21.36 3.73
N GLY D 96 -30.91 -22.05 3.49
CA GLY D 96 -32.21 -21.59 3.89
C GLY D 96 -32.90 -22.60 4.78
N SER D 97 -32.11 -23.48 5.36
CA SER D 97 -32.65 -24.51 6.24
C SER D 97 -32.83 -24.01 7.67
N HIS D 98 -31.85 -23.29 8.19
CA HIS D 98 -31.88 -22.80 9.57
C HIS D 98 -31.79 -21.28 9.58
N VAL D 99 -32.51 -20.67 10.52
CA VAL D 99 -32.45 -19.23 10.66
C VAL D 99 -31.34 -18.92 11.67
N PRO D 100 -30.62 -17.80 11.48
CA PRO D 100 -30.75 -16.90 10.32
C PRO D 100 -30.26 -17.55 9.05
N TRP D 101 -30.96 -17.30 7.96
CA TRP D 101 -30.46 -17.71 6.65
C TRP D 101 -29.16 -16.96 6.38
N THR D 102 -28.15 -17.65 5.83
CA THR D 102 -26.80 -17.11 5.67
C THR D 102 -26.27 -17.38 4.27
N PHE D 103 -25.51 -16.43 3.75
CA PHE D 103 -24.84 -16.53 2.47
C PHE D 103 -23.37 -16.92 2.65
N GLY D 104 -22.80 -17.56 1.63
CA GLY D 104 -21.35 -17.70 1.54
C GLY D 104 -20.69 -16.41 1.08
N GLY D 105 -19.35 -16.40 1.11
CA GLY D 105 -18.58 -15.20 0.85
C GLY D 105 -18.43 -14.85 -0.63
N GLY D 106 -18.63 -15.81 -1.51
CA GLY D 106 -18.57 -15.52 -2.93
C GLY D 106 -17.34 -16.12 -3.59
N THR D 107 -17.53 -16.56 -4.83
CA THR D 107 -16.47 -17.05 -5.70
C THR D 107 -16.60 -16.28 -6.99
N LYS D 108 -15.51 -15.61 -7.40
CA LYS D 108 -15.49 -14.83 -8.62
C LYS D 108 -15.07 -15.73 -9.77
N LEU D 109 -15.88 -15.77 -10.82
CA LEU D 109 -15.54 -16.53 -12.02
C LEU D 109 -14.95 -15.57 -13.04
N GLU D 110 -13.72 -15.83 -13.46
CA GLU D 110 -12.99 -14.98 -14.41
C GLU D 110 -12.80 -15.77 -15.71
N ILE D 111 -13.03 -15.10 -16.84
CA ILE D 111 -12.90 -15.70 -18.16
C ILE D 111 -11.47 -15.47 -18.66
N LYS D 112 -10.86 -16.53 -19.16
CA LYS D 112 -9.58 -16.45 -19.86
C LYS D 112 -9.84 -16.18 -21.33
N ARG D 113 -9.02 -15.33 -21.92
CA ARG D 113 -9.11 -15.03 -23.35
C ARG D 113 -7.70 -14.78 -23.85
N ALA D 114 -7.58 -14.56 -25.16
CA ALA D 114 -6.30 -14.22 -25.74
C ALA D 114 -5.88 -12.82 -25.30
N ASP D 115 -4.58 -12.64 -25.15
CA ASP D 115 -4.05 -11.34 -24.73
C ASP D 115 -4.44 -10.24 -25.72
N ALA D 116 -4.80 -9.09 -25.18
CA ALA D 116 -5.28 -7.97 -26.00
C ALA D 116 -4.69 -6.65 -25.51
N ALA D 117 -4.29 -5.79 -26.49
CA ALA D 117 -3.65 -4.54 -26.13
C ALA D 117 -4.69 -3.44 -25.91
N PRO D 118 -4.40 -2.50 -25.00
CA PRO D 118 -5.37 -1.44 -24.69
C PRO D 118 -5.48 -0.43 -25.81
N THR D 119 -6.62 0.28 -25.81
CA THR D 119 -6.86 1.41 -26.72
C THR D 119 -6.80 2.68 -25.88
N VAL D 120 -5.76 3.45 -26.08
CA VAL D 120 -5.46 4.57 -25.20
C VAL D 120 -6.04 5.85 -25.78
N SER D 121 -6.65 6.66 -24.91
CA SER D 121 -7.19 7.96 -25.27
C SER D 121 -6.81 8.90 -24.13
N ILE D 122 -6.24 10.07 -24.45
CA ILE D 122 -5.92 11.08 -23.44
C ILE D 122 -6.88 12.26 -23.58
N PHE D 123 -7.28 12.85 -22.45
CA PHE D 123 -8.24 13.96 -22.48
C PHE D 123 -7.71 15.13 -21.64
N PRO D 124 -7.77 16.36 -22.13
CA PRO D 124 -7.33 17.50 -21.31
C PRO D 124 -8.39 17.95 -20.31
N PRO D 125 -8.01 18.78 -19.35
CA PRO D 125 -9.00 19.33 -18.42
C PRO D 125 -10.04 20.14 -19.17
N SER D 126 -11.28 20.08 -18.71
CA SER D 126 -12.35 20.88 -19.29
C SER D 126 -12.22 22.32 -18.83
N SER D 127 -12.70 23.24 -19.68
CA SER D 127 -12.71 24.64 -19.29
C SER D 127 -13.57 24.86 -18.06
N GLU D 128 -14.61 24.05 -17.90
CA GLU D 128 -15.51 24.18 -16.77
C GLU D 128 -14.77 23.92 -15.46
N GLN D 129 -13.94 22.88 -15.43
CA GLN D 129 -13.18 22.56 -14.22
C GLN D 129 -12.12 23.62 -13.95
N LEU D 130 -11.43 24.10 -14.99
CA LEU D 130 -10.41 25.13 -14.79
C LEU D 130 -10.98 26.38 -14.12
N THR D 131 -12.25 26.70 -14.37
CA THR D 131 -12.87 27.86 -13.75
C THR D 131 -13.12 27.64 -12.27
N SER D 132 -13.27 26.39 -11.83
CA SER D 132 -13.40 26.10 -10.40
C SER D 132 -12.04 26.02 -9.70
N GLY D 133 -10.93 26.10 -10.45
CA GLY D 133 -9.60 26.10 -9.88
C GLY D 133 -8.84 24.79 -10.00
N GLY D 134 -9.46 23.72 -10.49
CA GLY D 134 -8.81 22.42 -10.59
C GLY D 134 -8.46 22.06 -12.03
N ALA D 135 -7.78 20.93 -12.18
CA ALA D 135 -7.35 20.50 -13.50
C ALA D 135 -7.00 19.01 -13.44
N SER D 136 -7.91 18.18 -13.94
CA SER D 136 -7.72 16.74 -14.04
C SER D 136 -7.42 16.39 -15.49
N VAL D 137 -6.41 15.57 -15.69
CA VAL D 137 -6.03 15.00 -16.98
C VAL D 137 -6.38 13.53 -16.93
N VAL D 138 -7.08 13.04 -17.94
CA VAL D 138 -7.66 11.70 -17.87
C VAL D 138 -7.14 10.88 -19.05
N CYS D 139 -6.88 9.62 -18.77
CA CYS D 139 -6.40 8.65 -19.74
C CYS D 139 -7.26 7.40 -19.61
N PHE D 140 -7.91 7.01 -20.70
CA PHE D 140 -8.66 5.75 -20.74
C PHE D 140 -7.82 4.68 -21.42
N LEU D 141 -7.62 3.55 -20.73
CA LEU D 141 -7.00 2.36 -21.30
C LEU D 141 -8.11 1.32 -21.44
N ASN D 142 -8.66 1.16 -22.65
CA ASN D 142 -9.91 0.43 -22.84
C ASN D 142 -9.68 -0.93 -23.51
N ASN D 143 -10.33 -1.95 -22.98
CA ASN D 143 -10.54 -3.24 -23.65
C ASN D 143 -9.22 -3.98 -23.87
N PHE D 144 -8.59 -4.40 -22.76
CA PHE D 144 -7.34 -5.17 -22.81
C PHE D 144 -7.45 -6.42 -21.95
N TYR D 145 -6.50 -7.34 -22.16
CA TYR D 145 -6.39 -8.54 -21.34
C TYR D 145 -4.94 -9.03 -21.35
N PRO D 146 -4.41 -9.49 -20.19
CA PRO D 146 -4.99 -9.63 -18.85
C PRO D 146 -5.09 -8.31 -18.07
N LYS D 147 -5.61 -8.41 -16.85
CA LYS D 147 -6.04 -7.23 -16.09
C LYS D 147 -4.88 -6.31 -15.69
N ASP D 148 -3.69 -6.85 -15.45
CA ASP D 148 -2.59 -6.04 -14.94
C ASP D 148 -2.00 -5.17 -16.03
N ILE D 149 -1.85 -3.88 -15.74
CA ILE D 149 -1.33 -2.89 -16.68
C ILE D 149 -0.68 -1.76 -15.90
N ASN D 150 0.30 -1.09 -16.50
CA ASN D 150 1.00 0.01 -15.86
C ASN D 150 0.84 1.29 -16.67
N VAL D 151 0.60 2.40 -15.96
CA VAL D 151 0.44 3.71 -16.58
C VAL D 151 1.43 4.69 -15.96
N LYS D 152 2.08 5.47 -16.81
CA LYS D 152 3.07 6.44 -16.37
C LYS D 152 2.72 7.79 -16.98
N TRP D 153 2.69 8.83 -16.15
CA TRP D 153 2.39 10.19 -16.61
C TRP D 153 3.67 10.98 -16.80
N LYS D 154 3.67 11.86 -17.82
CA LYS D 154 4.82 12.72 -18.09
C LYS D 154 4.34 14.13 -18.38
N ILE D 155 4.99 15.09 -17.70
CA ILE D 155 4.73 16.51 -17.87
C ILE D 155 6.03 17.15 -18.34
N ASP D 156 6.00 17.73 -19.53
CA ASP D 156 7.20 18.21 -20.21
C ASP D 156 8.27 17.13 -20.19
N GLY D 157 7.85 15.91 -20.53
CA GLY D 157 8.72 14.75 -20.64
C GLY D 157 9.20 14.16 -19.33
N SER D 158 8.96 14.83 -18.20
CA SER D 158 9.41 14.35 -16.90
C SER D 158 8.28 13.59 -16.20
N GLU D 159 8.64 12.52 -15.50
CA GLU D 159 7.64 11.66 -14.87
C GLU D 159 6.95 12.38 -13.72
N ARG D 160 5.71 11.96 -13.47
CA ARG D 160 4.89 12.55 -12.43
C ARG D 160 4.12 11.43 -11.77
N GLN D 161 4.35 11.21 -10.47
CA GLN D 161 3.74 10.07 -9.78
C GLN D 161 2.64 10.47 -8.81
N ASN D 162 2.85 11.58 -8.12
CA ASN D 162 1.91 12.06 -7.11
C ASN D 162 0.65 12.64 -7.73
N GLY D 163 -0.50 12.40 -7.11
CA GLY D 163 -1.76 12.89 -7.64
C GLY D 163 -2.37 11.99 -8.70
N VAL D 164 -1.86 10.80 -8.87
CA VAL D 164 -2.40 9.86 -9.84
C VAL D 164 -3.36 8.95 -9.10
N LEU D 165 -4.47 8.62 -9.77
CA LEU D 165 -5.52 7.78 -9.22
C LEU D 165 -6.00 6.83 -10.30
N ASN D 166 -5.89 5.52 -10.05
CA ASN D 166 -6.19 4.49 -11.04
C ASN D 166 -7.37 3.64 -10.56
N SER D 167 -8.23 3.25 -11.52
CA SER D 167 -9.44 2.47 -11.25
C SER D 167 -9.72 1.51 -12.39
N TRP D 168 -9.88 0.22 -12.06
CA TRP D 168 -10.13 -0.86 -13.01
C TRP D 168 -11.62 -1.21 -13.05
N THR D 169 -12.15 -1.52 -14.24
CA THR D 169 -13.49 -2.12 -14.29
C THR D 169 -13.44 -3.58 -13.90
N ASP D 170 -14.62 -4.15 -13.65
CA ASP D 170 -14.79 -5.59 -13.69
C ASP D 170 -14.66 -6.08 -15.13
N GLN D 171 -14.49 -7.39 -15.27
CA GLN D 171 -14.38 -7.98 -16.60
C GLN D 171 -15.67 -7.72 -17.36
N ASP D 172 -15.53 -7.43 -18.65
CA ASP D 172 -16.68 -7.17 -19.52
C ASP D 172 -17.30 -8.51 -19.92
N SER D 173 -18.62 -8.67 -19.74
CA SER D 173 -19.23 -9.98 -19.97
C SER D 173 -19.29 -10.35 -21.45
N LYS D 174 -19.13 -9.36 -22.34
CA LYS D 174 -19.26 -9.62 -23.77
C LYS D 174 -17.92 -10.00 -24.40
N ASP D 175 -16.89 -9.17 -24.23
CA ASP D 175 -15.60 -9.47 -24.83
C ASP D 175 -14.56 -9.94 -23.83
N SER D 176 -14.92 -10.10 -22.56
CA SER D 176 -14.01 -10.63 -21.53
C SER D 176 -12.75 -9.76 -21.33
N THR D 177 -12.79 -8.49 -21.69
CA THR D 177 -11.65 -7.62 -21.47
C THR D 177 -11.85 -6.82 -20.19
N TYR D 178 -10.82 -6.10 -19.82
CA TYR D 178 -10.88 -5.11 -18.76
C TYR D 178 -10.58 -3.74 -19.37
N SER D 179 -10.96 -2.69 -18.63
CA SER D 179 -10.53 -1.35 -18.96
C SER D 179 -10.09 -0.68 -17.67
N MET D 180 -9.36 0.44 -17.79
CA MET D 180 -8.98 1.19 -16.60
C MET D 180 -8.83 2.67 -16.96
N SER D 181 -9.13 3.53 -15.99
CA SER D 181 -8.96 4.96 -16.16
C SER D 181 -7.91 5.46 -15.18
N SER D 182 -7.09 6.38 -15.68
CA SER D 182 -6.04 7.02 -14.91
C SER D 182 -6.31 8.52 -14.90
N THR D 183 -6.37 9.10 -13.71
CA THR D 183 -6.65 10.52 -13.55
C THR D 183 -5.49 11.17 -12.79
N LEU D 184 -4.83 12.13 -13.43
CA LEU D 184 -3.81 12.96 -12.81
C LEU D 184 -4.46 14.29 -12.43
N THR D 185 -4.50 14.61 -11.14
CA THR D 185 -5.13 15.84 -10.71
C THR D 185 -4.06 16.84 -10.34
N LEU D 186 -4.19 18.05 -10.87
CA LEU D 186 -3.29 19.18 -10.66
C LEU D 186 -4.09 20.41 -10.26
N THR D 187 -3.42 21.40 -9.68
CA THR D 187 -4.10 22.68 -9.54
C THR D 187 -4.17 23.35 -10.91
N LYS D 188 -5.07 24.32 -11.03
CA LYS D 188 -5.09 25.16 -12.23
C LYS D 188 -3.73 25.83 -12.44
N ASP D 189 -3.17 26.40 -11.38
CA ASP D 189 -1.88 27.10 -11.51
C ASP D 189 -0.81 26.16 -12.04
N GLU D 190 -0.75 24.93 -11.55
CA GLU D 190 0.32 24.04 -11.99
C GLU D 190 0.11 23.58 -13.44
N TYR D 191 -1.14 23.26 -13.80
CA TYR D 191 -1.39 22.78 -15.15
C TYR D 191 -0.91 23.78 -16.21
N GLU D 192 -1.12 25.07 -15.97
CA GLU D 192 -0.81 26.10 -16.95
C GLU D 192 0.65 26.53 -16.96
N ARG D 193 1.45 26.14 -15.95
CA ARG D 193 2.89 26.33 -15.99
C ARG D 193 3.61 25.33 -16.89
N HIS D 194 2.92 24.38 -17.47
CA HIS D 194 3.56 23.41 -18.35
C HIS D 194 2.69 23.22 -19.58
N ASN D 195 3.25 22.56 -20.58
CA ASN D 195 2.59 22.48 -21.88
C ASN D 195 2.35 21.06 -22.38
N SER D 196 3.34 20.15 -22.28
CA SER D 196 3.16 18.79 -22.80
C SER D 196 2.72 17.82 -21.70
N TYR D 197 1.61 17.12 -21.94
CA TYR D 197 1.04 16.15 -21.02
C TYR D 197 0.94 14.79 -21.71
N THR D 198 1.44 13.75 -21.05
CA THR D 198 1.57 12.43 -21.68
C THR D 198 1.14 11.33 -20.71
N CYS D 199 0.37 10.36 -21.20
CA CYS D 199 0.22 9.08 -20.51
C CYS D 199 0.74 7.99 -21.43
N GLU D 200 1.44 7.02 -20.86
CA GLU D 200 1.91 5.88 -21.62
C GLU D 200 1.61 4.59 -20.87
N ALA D 201 0.97 3.66 -21.57
CA ALA D 201 0.51 2.40 -21.01
C ALA D 201 1.47 1.30 -21.40
N THR D 202 1.95 0.55 -20.40
CA THR D 202 2.80 -0.60 -20.62
C THR D 202 2.05 -1.87 -20.22
N HIS D 203 2.00 -2.82 -21.14
CA HIS D 203 1.19 -4.02 -20.99
C HIS D 203 2.00 -5.19 -21.52
N LYS D 204 1.67 -6.39 -21.06
CA LYS D 204 2.48 -7.53 -21.47
C LYS D 204 2.34 -7.87 -22.94
N THR D 205 1.43 -7.21 -23.67
CA THR D 205 1.30 -7.45 -25.10
C THR D 205 2.39 -6.79 -25.94
N SER D 206 3.25 -5.95 -25.33
CA SER D 206 4.36 -5.31 -26.04
C SER D 206 5.32 -4.72 -25.01
N THR D 207 6.62 -4.81 -25.30
CA THR D 207 7.59 -4.08 -24.50
C THR D 207 7.57 -2.58 -24.81
N SER D 208 6.99 -2.22 -25.94
CA SER D 208 6.86 -0.81 -26.29
C SER D 208 5.61 -0.23 -25.63
N PRO D 209 5.75 0.83 -24.83
CA PRO D 209 4.54 1.51 -24.31
C PRO D 209 3.67 2.02 -25.45
N ILE D 210 2.40 2.23 -25.14
CA ILE D 210 1.49 2.96 -26.01
C ILE D 210 1.40 4.38 -25.48
N VAL D 211 1.76 5.37 -26.31
CA VAL D 211 1.91 6.75 -25.88
C VAL D 211 0.81 7.59 -26.51
N LYS D 212 0.16 8.43 -25.70
CA LYS D 212 -0.80 9.42 -26.16
C LYS D 212 -0.53 10.73 -25.44
N SER D 213 -0.54 11.83 -26.18
CA SER D 213 -0.12 13.13 -25.64
C SER D 213 -0.99 14.25 -26.18
N PHE D 214 -0.90 15.41 -25.51
CA PHE D 214 -1.48 16.65 -25.99
C PHE D 214 -0.67 17.81 -25.44
N ASN D 215 -0.92 19.00 -26.02
CA ASN D 215 -0.24 20.22 -25.62
C ASN D 215 -1.24 21.29 -25.23
N ARG D 216 -0.89 22.04 -24.18
CA ARG D 216 -1.43 23.37 -23.83
C ARG D 216 -2.35 23.30 -22.62
N GLU E 1 -44.66 -9.00 -16.01
CA GLU E 1 -43.25 -9.45 -16.16
C GLU E 1 -42.58 -9.69 -14.81
N VAL E 2 -43.02 -8.93 -13.80
CA VAL E 2 -42.44 -8.92 -12.45
C VAL E 2 -41.38 -7.82 -12.45
N LYS E 3 -41.67 -6.75 -11.75
CA LYS E 3 -40.76 -5.63 -11.61
C LYS E 3 -40.84 -5.19 -10.17
N LEU E 4 -39.68 -4.86 -9.62
CA LEU E 4 -39.54 -4.43 -8.23
C LEU E 4 -38.64 -3.22 -8.22
N VAL E 5 -39.11 -2.12 -7.63
CA VAL E 5 -38.39 -0.85 -7.65
C VAL E 5 -38.29 -0.32 -6.22
N GLU E 6 -37.08 -0.34 -5.67
CA GLU E 6 -36.84 0.18 -4.33
C GLU E 6 -36.67 1.70 -4.36
N SER E 7 -36.94 2.34 -3.22
CA SER E 7 -36.86 3.80 -3.09
C SER E 7 -36.50 4.14 -1.66
N GLY E 8 -36.18 5.42 -1.44
CA GLY E 8 -36.02 5.96 -0.10
C GLY E 8 -34.61 5.96 0.43
N GLY E 9 -33.65 5.43 -0.31
CA GLY E 9 -32.29 5.38 0.17
C GLY E 9 -31.65 6.76 0.17
N GLY E 10 -30.56 6.86 0.91
CA GLY E 10 -29.82 8.10 1.04
C GLY E 10 -28.93 8.06 2.26
N LEU E 11 -28.58 9.23 2.73
CA LEU E 11 -27.61 9.36 3.81
C LEU E 11 -28.34 9.63 5.11
N VAL E 12 -27.92 8.93 6.17
CA VAL E 12 -28.57 9.05 7.48
C VAL E 12 -27.50 9.13 8.55
N ALA E 13 -27.70 10.03 9.52
CA ALA E 13 -26.75 10.17 10.61
C ALA E 13 -26.77 8.91 11.49
N PRO E 14 -25.66 8.59 12.15
CA PRO E 14 -25.66 7.45 13.07
C PRO E 14 -26.68 7.65 14.18
N GLY E 15 -27.48 6.62 14.43
CA GLY E 15 -28.57 6.71 15.39
C GLY E 15 -29.88 7.12 14.79
N GLY E 16 -29.89 7.50 13.51
CA GLY E 16 -31.09 7.96 12.85
C GLY E 16 -31.93 6.84 12.31
N SER E 17 -32.96 7.23 11.57
CA SER E 17 -33.99 6.33 11.08
C SER E 17 -34.23 6.61 9.61
N LEU E 18 -34.79 5.62 8.92
CA LEU E 18 -35.10 5.73 7.51
C LEU E 18 -35.99 4.56 7.09
N LYS E 19 -36.97 4.84 6.23
CA LYS E 19 -37.91 3.83 5.76
C LYS E 19 -37.79 3.66 4.25
N LEU E 20 -37.51 2.43 3.82
CA LEU E 20 -37.42 2.11 2.39
C LEU E 20 -38.74 1.62 1.84
N SER E 21 -38.93 1.82 0.53
CA SER E 21 -40.12 1.39 -0.18
C SER E 21 -39.73 0.52 -1.37
N CYS E 22 -40.68 -0.30 -1.80
CA CYS E 22 -40.52 -1.12 -2.99
C CYS E 22 -41.86 -1.24 -3.68
N ALA E 23 -41.91 -0.88 -4.95
CA ALA E 23 -43.13 -0.89 -5.75
C ALA E 23 -43.16 -2.18 -6.54
N ALA E 24 -44.14 -3.05 -6.24
CA ALA E 24 -44.25 -4.35 -6.88
C ALA E 24 -45.28 -4.27 -8.00
N SER E 25 -44.97 -4.93 -9.11
CA SER E 25 -45.85 -4.94 -10.26
C SER E 25 -45.52 -6.13 -11.14
N GLY E 26 -46.44 -6.46 -12.04
CA GLY E 26 -46.24 -7.58 -12.93
C GLY E 26 -46.59 -8.93 -12.33
N PHE E 27 -47.12 -8.97 -11.11
CA PHE E 27 -47.56 -10.23 -10.52
C PHE E 27 -48.60 -9.93 -9.45
N THR E 28 -49.24 -11.00 -8.97
CA THR E 28 -50.22 -10.85 -7.90
C THR E 28 -49.45 -10.66 -6.61
N PHE E 29 -49.30 -9.40 -6.20
CA PHE E 29 -48.46 -9.08 -5.05
C PHE E 29 -48.87 -9.88 -3.81
N SER E 30 -50.19 -9.95 -3.54
CA SER E 30 -50.66 -10.51 -2.29
C SER E 30 -50.47 -12.02 -2.18
N SER E 31 -50.00 -12.67 -3.24
CA SER E 31 -49.87 -14.13 -3.22
C SER E 31 -48.48 -14.60 -2.77
N TYR E 32 -47.49 -13.71 -2.70
CA TYR E 32 -46.11 -14.13 -2.50
C TYR E 32 -45.51 -13.51 -1.24
N PRO E 33 -44.73 -14.27 -0.47
CA PRO E 33 -43.92 -13.67 0.58
C PRO E 33 -42.78 -12.84 0.00
N MET E 34 -42.29 -11.90 0.80
CA MET E 34 -41.25 -10.97 0.39
C MET E 34 -40.13 -10.92 1.42
N SER E 35 -38.93 -10.60 0.96
CA SER E 35 -37.76 -10.49 1.82
C SER E 35 -36.94 -9.26 1.43
N TRP E 36 -36.14 -8.78 2.39
CA TRP E 36 -35.07 -7.84 2.11
C TRP E 36 -33.73 -8.51 2.32
N VAL E 37 -32.84 -8.36 1.35
CA VAL E 37 -31.44 -8.74 1.47
C VAL E 37 -30.58 -7.50 1.24
N ARG E 38 -29.51 -7.35 2.03
CA ARG E 38 -28.61 -6.24 1.84
C ARG E 38 -27.23 -6.73 1.43
N GLN E 39 -26.49 -5.85 0.76
CA GLN E 39 -25.13 -6.12 0.32
C GLN E 39 -24.23 -5.00 0.84
N THR E 40 -23.22 -5.35 1.63
CA THR E 40 -22.35 -4.36 2.22
C THR E 40 -21.29 -3.91 1.21
N PRO E 41 -20.57 -2.84 1.52
CA PRO E 41 -19.51 -2.38 0.63
C PRO E 41 -18.42 -3.42 0.42
N GLU E 42 -18.26 -4.33 1.37
CA GLU E 42 -17.37 -5.48 1.21
C GLU E 42 -17.97 -6.57 0.32
N LYS E 43 -19.18 -6.36 -0.20
CA LYS E 43 -19.88 -7.28 -1.10
C LYS E 43 -20.40 -8.53 -0.39
N ARG E 44 -20.51 -8.52 0.94
CA ARG E 44 -21.16 -9.64 1.62
C ARG E 44 -22.66 -9.45 1.51
N LEU E 45 -23.37 -10.55 1.29
CA LEU E 45 -24.82 -10.56 1.26
C LEU E 45 -25.32 -10.95 2.65
N GLU E 46 -26.32 -10.22 3.16
CA GLU E 46 -26.94 -10.49 4.45
C GLU E 46 -28.46 -10.42 4.33
N TRP E 47 -29.14 -11.50 4.71
CA TRP E 47 -30.60 -11.45 4.79
C TRP E 47 -31.02 -10.64 6.01
N VAL E 48 -31.95 -9.69 5.82
CA VAL E 48 -32.34 -8.82 6.92
C VAL E 48 -33.82 -8.89 7.29
N ALA E 49 -34.70 -9.45 6.45
CA ALA E 49 -36.10 -9.48 6.86
C ALA E 49 -36.91 -10.37 5.92
N TYR E 50 -38.00 -10.93 6.48
CA TYR E 50 -38.98 -11.76 5.77
C TYR E 50 -40.40 -11.45 6.27
N ILE E 51 -41.37 -11.56 5.37
CA ILE E 51 -42.78 -11.43 5.75
C ILE E 51 -43.62 -12.30 4.82
N ASN E 52 -44.64 -12.99 5.38
CA ASN E 52 -45.41 -13.92 4.58
C ASN E 52 -46.43 -13.15 3.74
N ASN E 53 -47.17 -13.89 2.90
CA ASN E 53 -48.02 -13.27 1.89
C ASN E 53 -49.07 -12.34 2.52
N GLY E 54 -49.66 -12.75 3.65
CA GLY E 54 -50.70 -12.00 4.34
C GLY E 54 -50.22 -10.93 5.32
N GLY E 55 -48.92 -10.71 5.41
CA GLY E 55 -48.38 -9.67 6.27
C GLY E 55 -47.96 -10.11 7.65
N GLY E 56 -47.97 -11.42 7.93
CA GLY E 56 -47.61 -11.93 9.22
C GLY E 56 -46.24 -12.61 9.23
N ASN E 57 -45.92 -13.21 10.37
CA ASN E 57 -44.65 -13.88 10.60
C ASN E 57 -43.46 -13.01 10.16
N PRO E 58 -43.42 -11.74 10.56
CA PRO E 58 -42.23 -10.93 10.29
C PRO E 58 -41.05 -11.47 11.08
N TYR E 59 -39.97 -11.79 10.36
CA TYR E 59 -38.81 -12.46 10.95
C TYR E 59 -37.54 -11.71 10.58
N TYR E 60 -36.58 -11.69 11.51
CA TYR E 60 -35.34 -10.93 11.34
C TYR E 60 -34.18 -11.70 11.96
N PRO E 61 -32.97 -11.50 11.44
CA PRO E 61 -31.78 -11.91 12.20
C PRO E 61 -31.55 -10.99 13.38
N ASP E 62 -30.84 -11.52 14.39
CA ASP E 62 -30.63 -10.76 15.61
C ASP E 62 -29.82 -9.48 15.37
N THR E 63 -29.10 -9.39 14.25
CA THR E 63 -28.31 -8.20 13.99
C THR E 63 -29.15 -6.96 13.75
N VAL E 64 -30.40 -7.11 13.31
CA VAL E 64 -31.31 -6.00 13.07
C VAL E 64 -32.60 -6.11 13.86
N LYS E 65 -32.77 -7.17 14.64
CA LYS E 65 -34.01 -7.37 15.38
C LYS E 65 -34.15 -6.30 16.45
N GLY E 66 -35.37 -5.79 16.61
CA GLY E 66 -35.62 -4.68 17.50
C GLY E 66 -35.42 -3.32 16.88
N ARG E 67 -34.84 -3.25 15.69
CA ARG E 67 -34.53 -2.00 15.00
C ARG E 67 -35.23 -1.88 13.66
N PHE E 68 -35.35 -2.99 12.93
CA PHE E 68 -35.95 -3.04 11.60
C PHE E 68 -37.37 -3.54 11.68
N THR E 69 -38.21 -3.03 10.79
CA THR E 69 -39.62 -3.44 10.75
C THR E 69 -40.06 -3.56 9.29
N ILE E 70 -40.28 -4.81 8.84
CA ILE E 70 -40.81 -5.08 7.50
C ILE E 70 -42.33 -5.02 7.55
N SER E 71 -42.94 -4.53 6.47
CA SER E 71 -44.39 -4.39 6.38
C SER E 71 -44.79 -4.31 4.91
N ARG E 72 -46.09 -4.44 4.65
CA ARG E 72 -46.58 -4.42 3.29
C ARG E 72 -48.01 -3.89 3.25
N ASP E 73 -48.37 -3.30 2.09
CA ASP E 73 -49.70 -2.79 1.80
C ASP E 73 -50.16 -3.44 0.50
N ASN E 74 -50.97 -4.49 0.60
CA ASN E 74 -51.30 -5.25 -0.59
C ASN E 74 -52.24 -4.51 -1.52
N ALA E 75 -52.86 -3.42 -1.07
CA ALA E 75 -53.66 -2.59 -1.95
C ALA E 75 -52.79 -1.70 -2.85
N LYS E 76 -51.73 -1.12 -2.30
CA LYS E 76 -50.82 -0.25 -3.04
C LYS E 76 -49.69 -1.01 -3.73
N ASN E 77 -49.62 -2.33 -3.57
CA ASN E 77 -48.56 -3.14 -4.14
C ASN E 77 -47.18 -2.61 -3.76
N THR E 78 -46.97 -2.46 -2.47
CA THR E 78 -45.75 -1.86 -1.95
C THR E 78 -45.26 -2.65 -0.74
N LEU E 79 -43.94 -2.77 -0.63
CA LEU E 79 -43.25 -3.35 0.52
C LEU E 79 -42.39 -2.27 1.18
N TYR E 80 -42.34 -2.28 2.51
CA TYR E 80 -41.67 -1.25 3.29
C TYR E 80 -40.62 -1.88 4.19
N LEU E 81 -39.64 -1.07 4.60
CA LEU E 81 -38.65 -1.48 5.61
C LEU E 81 -38.27 -0.25 6.43
N GLN E 82 -38.83 -0.17 7.64
CA GLN E 82 -38.48 0.87 8.59
C GLN E 82 -37.21 0.49 9.33
N MET E 83 -36.25 1.39 9.37
CA MET E 83 -35.00 1.17 10.07
C MET E 83 -34.82 2.30 11.10
N SER E 84 -34.18 1.97 12.23
CA SER E 84 -33.98 2.94 13.28
C SER E 84 -32.72 2.54 14.06
N SER E 85 -32.22 3.48 14.85
CA SER E 85 -30.98 3.26 15.60
C SER E 85 -29.87 2.78 14.67
N LEU E 86 -29.82 3.37 13.47
CA LEU E 86 -28.91 2.92 12.44
C LEU E 86 -27.45 3.04 12.86
N LYS E 87 -26.67 2.02 12.53
CA LYS E 87 -25.24 1.96 12.82
C LYS E 87 -24.47 1.97 11.51
N SER E 88 -23.16 2.14 11.65
CA SER E 88 -22.26 2.05 10.51
C SER E 88 -22.44 0.74 9.74
N GLU E 89 -22.60 -0.37 10.46
CA GLU E 89 -22.69 -1.69 9.86
C GLU E 89 -23.95 -1.89 9.01
N ASP E 90 -24.91 -0.97 9.09
CA ASP E 90 -26.12 -1.03 8.28
C ASP E 90 -25.94 -0.42 6.90
N THR E 91 -24.79 0.25 6.63
CA THR E 91 -24.52 0.82 5.32
C THR E 91 -24.46 -0.27 4.25
N ALA E 92 -25.28 -0.13 3.21
CA ALA E 92 -25.40 -1.20 2.23
C ALA E 92 -26.38 -0.82 1.11
N ILE E 93 -26.35 -1.64 0.06
CA ILE E 93 -27.44 -1.70 -0.92
C ILE E 93 -28.47 -2.68 -0.41
N TYR E 94 -29.73 -2.25 -0.34
CA TYR E 94 -30.83 -3.04 0.17
C TYR E 94 -31.70 -3.46 -1.00
N TYR E 95 -31.91 -4.78 -1.15
CA TYR E 95 -32.65 -5.35 -2.26
C TYR E 95 -34.00 -5.86 -1.77
N CYS E 96 -35.06 -5.51 -2.50
CA CYS E 96 -36.40 -6.05 -2.33
C CYS E 96 -36.50 -7.35 -3.14
N ILE E 97 -37.13 -8.39 -2.56
CA ILE E 97 -37.14 -9.73 -3.15
C ILE E 97 -38.52 -10.37 -3.05
N ARG E 98 -39.07 -10.80 -4.19
CA ARG E 98 -40.18 -11.76 -4.20
C ARG E 98 -39.60 -13.17 -4.05
N GLN E 99 -40.06 -13.86 -3.01
CA GLN E 99 -39.52 -15.14 -2.61
C GLN E 99 -40.56 -16.20 -2.90
N TYR E 100 -40.14 -17.33 -3.45
CA TYR E 100 -41.02 -18.49 -3.57
C TYR E 100 -40.14 -19.73 -3.45
N TYR E 101 -39.50 -20.14 -4.54
CA TYR E 101 -38.56 -21.26 -4.44
C TYR E 101 -37.34 -20.81 -3.63
N GLY E 102 -36.74 -19.71 -4.01
CA GLY E 102 -35.77 -19.06 -3.14
C GLY E 102 -35.93 -17.56 -3.25
N PHE E 103 -34.82 -16.83 -3.40
CA PHE E 103 -34.89 -15.40 -3.68
C PHE E 103 -35.03 -15.27 -5.20
N ASP E 104 -36.26 -15.40 -5.68
CA ASP E 104 -36.47 -15.63 -7.11
C ASP E 104 -36.22 -14.38 -7.94
N TYR E 105 -36.70 -13.24 -7.46
CA TYR E 105 -36.65 -12.00 -8.22
C TYR E 105 -36.19 -10.88 -7.32
N TRP E 106 -35.09 -10.22 -7.71
CA TRP E 106 -34.51 -9.12 -6.96
C TRP E 106 -34.68 -7.79 -7.70
N GLY E 107 -35.03 -6.75 -6.95
CA GLY E 107 -34.98 -5.41 -7.49
C GLY E 107 -33.54 -5.00 -7.76
N GLN E 108 -33.38 -3.80 -8.30
CA GLN E 108 -32.03 -3.30 -8.56
C GLN E 108 -31.40 -2.67 -7.32
N GLY E 109 -32.19 -2.33 -6.31
CA GLY E 109 -31.66 -1.98 -5.02
C GLY E 109 -31.62 -0.48 -4.80
N THR E 110 -31.67 -0.08 -3.53
CA THR E 110 -31.49 1.30 -3.12
C THR E 110 -30.46 1.30 -1.99
N THR E 111 -29.68 2.37 -1.90
CA THR E 111 -28.48 2.40 -1.09
C THR E 111 -28.71 3.22 0.18
N LEU E 112 -28.38 2.62 1.32
CA LEU E 112 -28.31 3.33 2.58
C LEU E 112 -26.87 3.55 2.99
N THR E 113 -26.54 4.80 3.31
CA THR E 113 -25.22 5.16 3.83
C THR E 113 -25.43 5.73 5.22
N VAL E 114 -24.80 5.12 6.21
CA VAL E 114 -24.81 5.64 7.58
C VAL E 114 -23.47 6.31 7.86
N SER E 115 -23.50 7.63 8.05
CA SER E 115 -22.28 8.42 8.21
C SER E 115 -22.64 9.78 8.77
N SER E 116 -21.71 10.36 9.52
CA SER E 116 -21.88 11.72 10.02
C SER E 116 -21.56 12.78 8.97
N ALA E 117 -21.16 12.39 7.76
CA ALA E 117 -20.84 13.31 6.71
C ALA E 117 -22.04 14.06 6.17
N LYS E 118 -21.75 15.12 5.42
CA LYS E 118 -22.77 15.86 4.72
C LYS E 118 -22.90 15.33 3.30
N THR E 119 -24.02 15.62 2.68
CA THR E 119 -24.23 15.21 1.30
C THR E 119 -23.62 16.22 0.34
N THR E 120 -22.89 15.74 -0.67
CA THR E 120 -22.26 16.61 -1.66
C THR E 120 -22.57 16.12 -3.07
N PRO E 121 -23.23 16.90 -3.91
CA PRO E 121 -23.49 16.49 -5.27
C PRO E 121 -22.24 16.55 -6.11
N PRO E 122 -22.18 15.77 -7.20
CA PRO E 122 -20.99 15.74 -8.03
C PRO E 122 -20.91 16.95 -8.94
N SER E 123 -19.69 17.32 -9.27
CA SER E 123 -19.40 18.15 -10.42
C SER E 123 -19.16 17.23 -11.60
N VAL E 124 -19.72 17.55 -12.76
CA VAL E 124 -19.63 16.70 -13.95
C VAL E 124 -18.92 17.47 -15.05
N TYR E 125 -17.81 16.92 -15.55
CA TYR E 125 -16.97 17.61 -16.50
C TYR E 125 -16.89 16.83 -17.80
N PRO E 126 -17.03 17.48 -18.95
CA PRO E 126 -16.90 16.76 -20.22
C PRO E 126 -15.46 16.39 -20.50
N LEU E 127 -15.27 15.27 -21.19
CA LEU E 127 -13.98 14.83 -21.68
C LEU E 127 -14.07 14.70 -23.20
N ALA E 128 -13.37 15.59 -23.91
CA ALA E 128 -13.32 15.65 -25.36
C ALA E 128 -11.87 15.59 -25.79
N PRO E 129 -11.56 14.95 -26.92
CA PRO E 129 -10.16 15.07 -27.34
C PRO E 129 -9.79 16.52 -27.58
N ASN E 136 -10.84 9.25 -37.56
CA ASN E 136 -10.17 8.01 -37.20
C ASN E 136 -11.15 6.82 -37.14
N SER E 137 -12.35 7.00 -37.71
CA SER E 137 -13.39 5.97 -37.83
C SER E 137 -14.11 5.65 -36.52
N MET E 138 -13.47 5.88 -35.37
CA MET E 138 -14.07 5.55 -34.08
C MET E 138 -13.47 6.48 -33.04
N VAL E 139 -14.31 7.12 -32.25
CA VAL E 139 -13.88 8.16 -31.31
C VAL E 139 -14.35 7.80 -29.90
N THR E 140 -13.51 8.12 -28.92
CA THR E 140 -13.80 7.85 -27.52
C THR E 140 -14.00 9.17 -26.77
N LEU E 141 -15.15 9.31 -26.15
CA LEU E 141 -15.50 10.45 -25.30
C LEU E 141 -15.68 9.99 -23.86
N GLY E 142 -15.83 10.96 -22.95
CA GLY E 142 -15.93 10.61 -21.55
C GLY E 142 -16.57 11.68 -20.70
N CYS E 143 -16.82 11.29 -19.46
CA CYS E 143 -17.39 12.13 -18.42
C CYS E 143 -16.59 11.93 -17.14
N LEU E 144 -16.28 13.01 -16.44
CA LEU E 144 -15.59 12.96 -15.15
C LEU E 144 -16.57 13.41 -14.07
N VAL E 145 -16.89 12.51 -13.15
CA VAL E 145 -17.88 12.74 -12.08
C VAL E 145 -17.10 12.80 -10.78
N LYS E 146 -16.92 14.00 -10.28
CA LYS E 146 -15.89 14.26 -9.29
C LYS E 146 -16.50 14.92 -8.07
N GLY E 147 -16.09 14.44 -6.89
CA GLY E 147 -16.33 15.14 -5.65
C GLY E 147 -17.73 15.00 -5.10
N TYR E 148 -18.26 13.78 -5.08
CA TYR E 148 -19.59 13.57 -4.54
C TYR E 148 -19.52 12.65 -3.33
N PHE E 149 -20.59 12.73 -2.54
CA PHE E 149 -20.79 11.83 -1.41
C PHE E 149 -22.26 11.87 -1.03
N PRO E 150 -22.87 10.74 -0.71
CA PRO E 150 -22.38 9.36 -0.75
C PRO E 150 -22.48 8.72 -2.12
N GLU E 151 -22.05 7.45 -2.22
CA GLU E 151 -22.37 6.63 -3.38
C GLU E 151 -23.83 6.22 -3.28
N PRO E 152 -24.45 5.86 -4.40
CA PRO E 152 -23.88 5.83 -5.75
C PRO E 152 -24.24 7.00 -6.64
N VAL E 153 -23.62 7.00 -7.81
CA VAL E 153 -24.13 7.76 -8.95
C VAL E 153 -24.41 6.75 -10.04
N THR E 154 -25.33 7.10 -10.93
CA THR E 154 -25.60 6.35 -12.15
C THR E 154 -25.25 7.22 -13.35
N VAL E 155 -24.52 6.67 -14.30
CA VAL E 155 -24.14 7.40 -15.51
C VAL E 155 -24.73 6.71 -16.72
N THR E 156 -25.44 7.50 -17.51
CA THR E 156 -26.03 7.04 -18.74
C THR E 156 -25.65 8.02 -19.85
N TRP E 157 -25.81 7.60 -21.10
CA TRP E 157 -25.44 8.40 -22.26
C TRP E 157 -26.65 8.58 -23.18
N ASN E 158 -26.90 9.84 -23.58
CA ASN E 158 -28.09 10.20 -24.36
C ASN E 158 -29.36 9.60 -23.79
N SER E 159 -29.48 9.67 -22.46
CA SER E 159 -30.65 9.16 -21.74
C SER E 159 -30.84 7.66 -21.94
N GLY E 160 -29.78 6.93 -22.31
CA GLY E 160 -29.85 5.51 -22.52
C GLY E 160 -29.65 5.05 -23.95
N SER E 161 -29.83 5.95 -24.94
CA SER E 161 -29.73 5.55 -26.34
C SER E 161 -28.39 4.91 -26.66
N LEU E 162 -27.29 5.47 -26.13
CA LEU E 162 -25.96 4.88 -26.27
C LEU E 162 -25.75 3.90 -25.13
N SER E 163 -25.87 2.61 -25.43
CA SER E 163 -25.64 1.57 -24.44
C SER E 163 -24.36 0.80 -24.70
N SER E 164 -24.06 0.55 -25.97
CA SER E 164 -22.85 -0.14 -26.37
C SER E 164 -21.72 0.86 -26.55
N GLY E 165 -20.50 0.35 -26.41
CA GLY E 165 -19.33 1.20 -26.37
C GLY E 165 -19.14 1.93 -25.06
N VAL E 166 -19.85 1.56 -24.00
CA VAL E 166 -19.85 2.31 -22.75
C VAL E 166 -19.31 1.43 -21.63
N HIS E 167 -18.42 1.99 -20.82
CA HIS E 167 -18.21 1.39 -19.51
C HIS E 167 -17.84 2.48 -18.53
N THR E 168 -18.28 2.25 -17.30
CA THR E 168 -18.13 3.17 -16.19
C THR E 168 -17.16 2.54 -15.20
N PHE E 169 -16.20 3.34 -14.74
CA PHE E 169 -15.14 2.89 -13.85
C PHE E 169 -15.60 2.99 -12.41
N PRO E 170 -15.26 2.04 -11.55
CA PRO E 170 -15.69 2.15 -10.15
C PRO E 170 -15.25 3.47 -9.54
N ALA E 171 -16.09 4.01 -8.67
CA ALA E 171 -15.74 5.21 -7.95
C ALA E 171 -14.68 4.90 -6.91
N VAL E 172 -13.79 5.88 -6.66
CA VAL E 172 -12.75 5.76 -5.65
C VAL E 172 -12.90 6.90 -4.67
N LEU E 173 -12.68 6.57 -3.40
CA LEU E 173 -12.78 7.53 -2.30
C LEU E 173 -11.41 8.13 -2.03
N GLN E 174 -11.33 9.46 -2.07
CA GLN E 174 -10.15 10.25 -1.73
C GLN E 174 -10.59 11.48 -0.98
N SER E 175 -10.02 11.70 0.20
CA SER E 175 -10.33 12.89 0.97
C SER E 175 -11.82 13.02 1.17
N ASP E 176 -12.46 11.91 1.56
CA ASP E 176 -13.87 11.87 1.94
C ASP E 176 -14.82 12.21 0.80
N LEU E 177 -14.37 12.10 -0.46
CA LEU E 177 -15.25 12.26 -1.61
C LEU E 177 -14.93 11.23 -2.68
N TYR E 178 -15.97 10.84 -3.41
CA TYR E 178 -15.84 9.86 -4.48
C TYR E 178 -15.60 10.54 -5.82
N THR E 179 -14.88 9.85 -6.70
CA THR E 179 -14.72 10.27 -8.08
C THR E 179 -14.79 9.06 -8.99
N LEU E 180 -15.48 9.21 -10.12
CA LEU E 180 -15.46 8.17 -11.14
C LEU E 180 -15.46 8.80 -12.52
N SER E 181 -15.22 7.96 -13.52
CA SER E 181 -15.22 8.34 -14.91
C SER E 181 -16.10 7.36 -15.69
N SER E 182 -16.62 7.82 -16.83
CA SER E 182 -17.34 6.97 -17.77
C SER E 182 -16.83 7.21 -19.17
N SER E 183 -16.63 6.11 -19.90
CA SER E 183 -16.13 6.12 -21.26
C SER E 183 -17.23 5.68 -22.21
N VAL E 184 -17.32 6.35 -23.35
CA VAL E 184 -18.23 5.94 -24.41
C VAL E 184 -17.49 6.06 -25.74
N THR E 185 -17.73 5.11 -26.63
CA THR E 185 -17.15 5.10 -27.96
C THR E 185 -18.25 5.13 -29.01
N VAL E 186 -18.15 6.07 -29.95
CA VAL E 186 -19.09 6.20 -31.06
C VAL E 186 -18.30 6.32 -32.36
N PRO E 187 -18.97 6.11 -33.49
CA PRO E 187 -18.33 6.33 -34.80
C PRO E 187 -17.89 7.78 -34.98
N SER E 188 -16.74 7.96 -35.66
CA SER E 188 -16.25 9.31 -35.95
C SER E 188 -17.29 10.14 -36.70
N SER E 189 -18.04 9.50 -37.60
CA SER E 189 -19.12 10.19 -38.30
C SER E 189 -20.16 10.76 -37.33
N THR E 190 -20.47 10.01 -36.28
CA THR E 190 -21.55 10.37 -35.36
C THR E 190 -21.29 11.70 -34.66
N TRP E 191 -20.05 11.95 -34.25
CA TRP E 191 -19.72 13.07 -33.38
C TRP E 191 -18.59 13.90 -34.00
N PRO E 192 -18.64 15.24 -33.91
CA PRO E 192 -19.64 16.09 -33.24
C PRO E 192 -20.88 16.34 -34.07
N SER E 193 -21.02 15.59 -35.17
CA SER E 193 -22.16 15.73 -36.07
C SER E 193 -23.48 15.70 -35.30
N GLU E 194 -23.61 14.77 -34.36
CA GLU E 194 -24.82 14.63 -33.57
C GLU E 194 -24.48 14.70 -32.10
N THR E 195 -25.40 15.23 -31.32
CA THR E 195 -25.10 15.59 -29.97
C THR E 195 -24.92 14.34 -29.11
N VAL E 196 -23.90 14.35 -28.26
CA VAL E 196 -23.64 13.28 -27.30
C VAL E 196 -23.59 13.89 -25.90
N THR E 197 -24.47 13.41 -25.03
CA THR E 197 -24.68 13.98 -23.72
C THR E 197 -24.49 12.92 -22.63
N CYS E 198 -23.85 13.34 -21.54
CA CYS E 198 -23.63 12.51 -20.37
C CYS E 198 -24.66 12.88 -19.30
N ASN E 199 -25.41 11.89 -18.81
CA ASN E 199 -26.45 12.09 -17.80
C ASN E 199 -26.04 11.41 -16.49
N VAL E 200 -25.92 12.21 -15.44
CA VAL E 200 -25.46 11.73 -14.14
C VAL E 200 -26.57 11.95 -13.14
N ALA E 201 -26.92 10.90 -12.40
CA ALA E 201 -27.89 11.01 -11.33
C ALA E 201 -27.19 10.70 -10.02
N HIS E 202 -27.40 11.56 -9.02
CA HIS E 202 -26.93 11.36 -7.67
C HIS E 202 -28.17 11.33 -6.78
N PRO E 203 -28.76 10.15 -6.53
CA PRO E 203 -30.04 10.12 -5.80
C PRO E 203 -29.98 10.68 -4.39
N ALA E 204 -28.88 10.50 -3.66
CA ALA E 204 -28.86 10.97 -2.28
C ALA E 204 -28.99 12.49 -2.18
N SER E 205 -28.55 13.23 -3.19
CA SER E 205 -28.77 14.67 -3.24
C SER E 205 -29.95 15.05 -4.14
N SER E 206 -30.64 14.06 -4.72
CA SER E 206 -31.78 14.31 -5.62
C SER E 206 -31.37 15.15 -6.82
N THR E 207 -30.17 14.89 -7.34
CA THR E 207 -29.55 15.73 -8.34
C THR E 207 -29.36 14.98 -9.66
N LYS E 208 -29.68 15.67 -10.76
CA LYS E 208 -29.41 15.17 -12.11
C LYS E 208 -28.63 16.24 -12.87
N VAL E 209 -27.52 15.84 -13.48
CA VAL E 209 -26.72 16.73 -14.32
C VAL E 209 -26.67 16.13 -15.72
N ASP E 210 -26.87 16.98 -16.73
CA ASP E 210 -26.79 16.60 -18.14
C ASP E 210 -25.72 17.46 -18.79
N LYS E 211 -24.56 16.89 -19.08
CA LYS E 211 -23.45 17.62 -19.70
C LYS E 211 -23.24 17.18 -21.14
N LYS E 212 -23.36 18.12 -22.07
CA LYS E 212 -23.00 17.88 -23.45
C LYS E 212 -21.48 17.87 -23.64
N ILE E 213 -21.00 16.93 -24.46
CA ILE E 213 -19.59 16.81 -24.77
C ILE E 213 -19.33 17.65 -26.01
N VAL E 214 -18.68 18.80 -25.82
CA VAL E 214 -18.36 19.68 -26.95
C VAL E 214 -16.86 19.66 -27.24
N PRO E 215 -16.43 19.70 -28.52
CA PRO E 215 -15.02 19.59 -28.93
C PRO E 215 -14.11 20.74 -28.51
N PRO F 2 -44.76 -26.76 -2.93
CA PRO F 2 -44.16 -28.08 -2.79
C PRO F 2 -42.66 -28.01 -2.46
N ASP F 3 -41.89 -27.42 -3.37
CA ASP F 3 -40.45 -27.27 -3.22
C ASP F 3 -40.02 -25.86 -2.83
N THR F 4 -40.95 -25.04 -2.38
CA THR F 4 -40.64 -23.70 -1.91
C THR F 4 -39.91 -23.72 -0.58
N ARG F 5 -39.06 -22.71 -0.35
CA ARG F 5 -38.32 -22.60 0.90
C ARG F 5 -39.29 -22.35 2.06
N PRO F 6 -39.21 -23.14 3.14
CA PRO F 6 -40.18 -22.98 4.21
C PRO F 6 -39.98 -21.68 4.97
N ALA F 7 -41.08 -21.20 5.55
CA ALA F 7 -41.04 -19.98 6.29
C ALA F 7 -40.24 -20.19 7.58
N PRO F 8 -39.62 -19.14 8.11
CA PRO F 8 -38.76 -19.19 9.30
C PRO F 8 -39.44 -19.76 10.54
C1 NGA G . -1.83 -16.06 5.69
C2 NGA G . -2.93 -16.88 5.02
C3 NGA G . -3.08 -18.26 5.69
C4 NGA G . -1.74 -18.94 5.84
C5 NGA G . -0.78 -17.98 6.54
C6 NGA G . 0.59 -18.55 6.87
C7 NGA G . -4.81 -15.65 4.08
C8 NGA G . -5.93 -14.71 4.40
N2 NGA G . -4.20 -16.19 5.13
O3 NGA G . -3.96 -19.05 4.91
O4 NGA G . -1.21 -19.25 4.57
O5 NGA G . -0.63 -16.79 5.80
O6 NGA G . 0.85 -19.70 6.07
O7 NGA G . -4.48 -15.88 2.93
H1 NGA G . -1.66 -15.15 5.11
H2 NGA G . -2.68 -17.00 3.96
H3 NGA G . -3.52 -18.11 6.68
H4 NGA G . -1.89 -19.86 6.41
H5 NGA G . -1.26 -17.66 7.47
H61 NGA G . 0.80 -19.40 6.22
H62 NGA G . 1.36 -17.80 6.69
H81 NGA G . -6.85 -15.08 3.95
H82 NGA G . -5.71 -13.72 3.99
H83 NGA G . -6.06 -14.64 5.47
HN2 NGA G . -4.63 -16.11 6.04
HO3 NGA G . -4.26 -18.56 4.13
HO4 NGA G . -1.83 -18.95 3.87
HO6 NGA G . 0.08 -19.86 5.48
C1 NGA H . -43.06 -22.97 0.27
C2 NGA H . -43.84 -23.87 1.23
C3 NGA H . -45.31 -23.93 0.84
C4 NGA H . -45.90 -22.55 0.61
C5 NGA H . -45.01 -21.61 -0.21
C6 NGA H . -45.45 -20.15 -0.01
C7 NGA H . -42.81 -25.77 2.39
C8 NGA H . -42.23 -27.16 2.26
N2 NGA H . -43.32 -25.23 1.28
O3 NGA H . -45.95 -24.52 1.94
O4 NGA H . -46.13 -21.96 1.87
O5 NGA H . -43.64 -21.70 0.14
O6 NGA H . -46.32 -19.73 -1.03
O7 NGA H . -42.80 -25.20 3.49
H1 NGA H . -42.03 -22.88 0.62
H2 NGA H . -43.79 -23.44 2.23
H3 NGA H . -45.40 -24.59 -0.03
H4 NGA H . -46.84 -22.67 0.08
H5 NGA H . -45.13 -21.87 -1.26
H61 NGA H . -45.96 -20.06 0.95
H62 NGA H . -44.57 -19.51 0.02
H81 NGA H . -42.77 -27.85 2.92
H82 NGA H . -41.18 -27.15 2.53
H83 NGA H . -42.34 -27.50 1.22
HN2 NGA H . -43.34 -25.78 0.44
HO3 NGA H . -45.30 -24.72 2.64
HO4 NGA H . -45.86 -22.58 2.58
HO6 NGA H . -46.48 -20.46 -1.66
#